data_6NKA
#
_entry.id   6NKA
#
_cell.length_a   55.248
_cell.length_b   106.212
_cell.length_c   152.903
_cell.angle_alpha   90.000
_cell.angle_beta   90.000
_cell.angle_gamma   90.000
#
_symmetry.space_group_name_H-M   'P 21 21 21'
#
loop_
_entity.id
_entity.type
_entity.pdbx_description
1 polymer 'ATP-dependent dethiobiotin synthetase BioD'
2 non-polymer 'SULFATE ION'
3 non-polymer "2'-DEOXYCYTIDINE"
4 water water
#
_entity_poly.entity_id   1
_entity_poly.type   'polypeptide(L)'
_entity_poly.pdbx_seq_one_letter_code
;HHHHHHGGTILVVTGTGTGVGKTVVCAALASAARQAGIDVAVCKPVQTGTARGDDDLAEVGRLAGVTQLAGLARYPQPMA
PAAAAEHAGMALPARDQIVRLIADLDRPGRLTLVEGAGGLLVELAEPGVTLRDVAVDVAAAALVVVTADLGTLNHTKLTL
EALAAQQVSCAGLVIGSWPDPPGLVAASNRSALARIAMVRAALPAGAASLDAGDFAAMSAAAFDRNWVAGLVG
;
_entity_poly.pdbx_strand_id   A,B,C,D
#
loop_
_chem_comp.id
_chem_comp.type
_chem_comp.name
_chem_comp.formula
DCZ DNA OH 5 prime terminus 2'-DEOXYCYTIDINE 'C9 H13 N3 O4'
SO4 non-polymer 'SULFATE ION' 'O4 S -2'
#
# COMPACT_ATOMS: atom_id res chain seq x y z
N GLY A 7 19.28 13.66 -2.06
CA GLY A 7 20.09 12.50 -2.42
C GLY A 7 19.54 11.65 -3.55
N GLY A 8 19.99 10.40 -3.62
CA GLY A 8 19.55 9.45 -4.63
C GLY A 8 18.46 8.54 -4.13
N THR A 9 18.46 7.29 -4.62
CA THR A 9 17.46 6.31 -4.24
C THR A 9 18.14 5.20 -3.45
N ILE A 10 17.71 5.00 -2.22
CA ILE A 10 18.21 3.93 -1.36
C ILE A 10 17.16 2.85 -1.29
N LEU A 11 17.55 1.63 -1.60
CA LEU A 11 16.66 0.47 -1.56
C LEU A 11 17.29 -0.59 -0.66
N VAL A 12 16.54 -1.05 0.39
CA VAL A 12 17.05 -2.19 1.16
C VAL A 12 16.54 -3.45 0.48
N VAL A 13 17.40 -4.45 0.38
CA VAL A 13 17.06 -5.75 -0.20
C VAL A 13 17.05 -6.78 0.92
N THR A 14 15.86 -7.32 1.21
CA THR A 14 15.66 -8.26 2.30
C THR A 14 14.98 -9.52 1.77
N GLY A 15 14.96 -10.54 2.59
CA GLY A 15 14.38 -11.81 2.21
C GLY A 15 13.37 -12.28 3.23
N THR A 16 12.43 -13.08 2.76
CA THR A 16 11.51 -13.71 3.68
C THR A 16 12.22 -14.70 4.58
N GLY A 17 13.35 -15.22 4.13
CA GLY A 17 14.11 -16.17 4.91
C GLY A 17 15.53 -16.18 4.39
N THR A 18 16.32 -17.10 4.91
CA THR A 18 17.70 -17.20 4.50
C THR A 18 17.80 -18.11 3.28
N GLY A 19 18.75 -17.83 2.41
CA GLY A 19 18.95 -18.69 1.26
C GLY A 19 17.84 -18.62 0.22
N VAL A 20 17.28 -17.44 0.01
CA VAL A 20 16.19 -17.29 -0.96
C VAL A 20 16.68 -16.68 -2.28
N GLY A 21 18.00 -16.50 -2.45
CA GLY A 21 18.55 -15.84 -3.63
C GLY A 21 18.73 -14.35 -3.54
N LYS A 22 18.75 -13.80 -2.32
CA LYS A 22 18.78 -12.35 -2.12
C LYS A 22 20.03 -11.71 -2.74
N THR A 23 21.20 -12.32 -2.54
CA THR A 23 22.42 -11.76 -3.13
C THR A 23 22.32 -11.70 -4.65
N VAL A 24 21.79 -12.76 -5.28
CA VAL A 24 21.68 -12.76 -6.73
C VAL A 24 20.67 -11.72 -7.19
N VAL A 25 19.59 -11.52 -6.44
CA VAL A 25 18.64 -10.45 -6.74
C VAL A 25 19.34 -9.09 -6.75
N CYS A 26 20.15 -8.82 -5.71
CA CYS A 26 20.86 -7.55 -5.66
C CYS A 26 21.69 -7.35 -6.91
N ALA A 27 22.40 -8.40 -7.34
CA ALA A 27 23.23 -8.30 -8.52
C ALA A 27 22.40 -8.13 -9.78
N ALA A 28 21.30 -8.90 -9.91
CA ALA A 28 20.45 -8.75 -11.08
C ALA A 28 19.90 -7.33 -11.16
N LEU A 29 19.42 -6.80 -10.03
CA LEU A 29 18.88 -5.45 -10.06
C LEU A 29 19.99 -4.45 -10.35
N ALA A 30 21.17 -4.65 -9.74
CA ALA A 30 22.29 -3.77 -10.03
C ALA A 30 22.65 -3.81 -11.51
N SER A 31 22.73 -5.01 -12.09
CA SER A 31 23.04 -5.13 -13.52
C SER A 31 22.00 -4.43 -14.38
N ALA A 32 20.72 -4.70 -14.13
CA ALA A 32 19.66 -4.02 -14.90
C ALA A 32 19.76 -2.50 -14.77
N ALA A 33 20.09 -2.01 -13.56
CA ALA A 33 20.16 -0.56 -13.36
C ALA A 33 21.39 0.03 -14.05
N ARG A 34 22.54 -0.64 -13.95
CA ARG A 34 23.72 -0.18 -14.68
C ARG A 34 23.45 -0.10 -16.17
N GLN A 35 22.74 -1.09 -16.71
CA GLN A 35 22.48 -1.09 -18.14
C GLN A 35 21.53 0.02 -18.56
N ALA A 36 20.61 0.43 -17.68
CA ALA A 36 19.82 1.62 -17.97
C ALA A 36 20.58 2.93 -17.71
N GLY A 37 21.89 2.87 -17.49
CA GLY A 37 22.66 4.08 -17.27
C GLY A 37 22.54 4.67 -15.87
N ILE A 38 22.06 3.90 -14.92
CA ILE A 38 21.96 4.35 -13.53
C ILE A 38 23.25 3.98 -12.83
N ASP A 39 23.78 4.90 -12.01
CA ASP A 39 24.94 4.61 -11.19
C ASP A 39 24.51 3.78 -9.98
N VAL A 40 25.24 2.70 -9.69
CA VAL A 40 24.81 1.75 -8.65
C VAL A 40 25.94 1.56 -7.64
N ALA A 41 25.59 1.69 -6.37
CA ALA A 41 26.42 1.23 -5.26
C ALA A 41 25.68 0.11 -4.52
N VAL A 42 26.42 -0.89 -4.03
CA VAL A 42 25.82 -1.99 -3.28
C VAL A 42 26.52 -2.09 -1.94
N CYS A 43 25.72 -2.06 -0.88
CA CYS A 43 26.18 -2.00 0.50
C CYS A 43 25.75 -3.25 1.28
N LYS A 44 26.67 -3.85 2.02
CA LYS A 44 26.42 -5.04 2.84
C LYS A 44 26.92 -4.75 4.25
N PRO A 45 26.07 -4.16 5.10
CA PRO A 45 26.58 -3.71 6.41
C PRO A 45 27.07 -4.84 7.28
N VAL A 46 26.48 -6.03 7.18
CA VAL A 46 26.84 -7.16 8.05
C VAL A 46 26.96 -8.42 7.20
N GLN A 47 28.14 -9.01 7.20
CA GLN A 47 28.46 -10.23 6.48
C GLN A 47 28.93 -11.27 7.48
N THR A 48 28.31 -12.44 7.46
CA THR A 48 28.70 -13.55 8.32
C THR A 48 29.26 -14.67 7.47
N GLY A 49 29.75 -15.71 8.12
CA GLY A 49 30.26 -16.85 7.39
C GLY A 49 31.47 -16.56 6.53
N THR A 50 32.27 -15.56 6.89
CA THR A 50 33.45 -15.28 6.05
C THR A 50 34.45 -16.42 6.13
N ALA A 51 34.58 -17.08 7.30
CA ALA A 51 35.51 -18.20 7.41
C ALA A 51 35.13 -19.31 6.44
N ARG A 52 33.84 -19.46 6.14
CA ARG A 52 33.41 -20.43 5.14
C ARG A 52 33.53 -19.89 3.72
N GLY A 53 33.99 -18.65 3.56
CA GLY A 53 34.11 -18.03 2.25
C GLY A 53 32.93 -17.19 1.82
N ASP A 54 31.89 -17.05 2.64
CA ASP A 54 30.75 -16.21 2.28
C ASP A 54 31.24 -14.77 2.05
N ASP A 55 30.92 -14.21 0.88
CA ASP A 55 31.18 -12.80 0.64
C ASP A 55 30.22 -12.32 -0.44
N ASP A 56 29.11 -11.70 0.00
CA ASP A 56 28.08 -11.33 -0.95
C ASP A 56 28.48 -10.11 -1.79
N LEU A 57 29.19 -9.15 -1.21
CA LEU A 57 29.69 -8.04 -2.02
C LEU A 57 30.56 -8.55 -3.17
N ALA A 58 31.48 -9.47 -2.88
CA ALA A 58 32.32 -10.04 -3.93
C ALA A 58 31.46 -10.71 -5.01
N GLU A 59 30.51 -11.54 -4.59
CA GLU A 59 29.58 -12.19 -5.52
C GLU A 59 28.86 -11.17 -6.40
N VAL A 60 28.34 -10.10 -5.80
CA VAL A 60 27.66 -9.06 -6.59
C VAL A 60 28.62 -8.46 -7.62
N GLY A 61 29.90 -8.29 -7.25
CA GLY A 61 30.85 -7.77 -8.21
C GLY A 61 31.13 -8.75 -9.34
N ARG A 62 31.34 -10.02 -9.01
CA ARG A 62 31.55 -11.04 -10.02
C ARG A 62 30.42 -11.07 -11.05
N LEU A 63 29.18 -11.12 -10.58
CA LEU A 63 28.04 -11.37 -11.46
C LEU A 63 27.60 -10.14 -12.22
N ALA A 64 27.71 -8.97 -11.61
CA ALA A 64 27.15 -7.77 -12.21
C ALA A 64 28.21 -6.74 -12.56
N GLY A 65 29.47 -7.01 -12.24
CA GLY A 65 30.53 -6.05 -12.51
C GLY A 65 30.41 -4.75 -11.75
N VAL A 66 29.72 -4.76 -10.61
CA VAL A 66 29.66 -3.58 -9.76
C VAL A 66 30.98 -3.43 -9.01
N THR A 67 31.49 -2.19 -8.97
CA THR A 67 32.73 -1.91 -8.24
C THR A 67 32.53 -1.08 -6.98
N GLN A 68 31.43 -0.36 -6.88
CA GLN A 68 31.20 0.47 -5.69
C GLN A 68 30.51 -0.42 -4.65
N LEU A 69 31.33 -1.04 -3.81
CA LEU A 69 30.96 -2.14 -2.92
C LEU A 69 31.42 -1.80 -1.52
N ALA A 70 30.50 -1.56 -0.60
CA ALA A 70 30.82 -1.05 0.72
C ALA A 70 30.41 -2.04 1.80
N GLY A 71 31.40 -2.53 2.56
CA GLY A 71 31.16 -3.35 3.71
C GLY A 71 31.45 -2.63 5.02
N LEU A 72 31.16 -3.33 6.11
CA LEU A 72 31.42 -2.79 7.44
C LEU A 72 31.82 -3.90 8.40
N ALA A 73 30.87 -4.71 8.87
CA ALA A 73 31.18 -5.80 9.79
C ALA A 73 31.28 -7.12 9.03
N ARG A 74 32.37 -7.85 9.26
CA ARG A 74 32.56 -9.20 8.76
C ARG A 74 32.84 -10.13 9.94
N TYR A 75 32.14 -11.28 9.98
CA TYR A 75 32.27 -12.26 11.05
C TYR A 75 32.54 -13.64 10.47
N PRO A 76 33.47 -14.39 11.06
CA PRO A 76 33.85 -15.70 10.48
C PRO A 76 32.72 -16.74 10.42
N GLN A 77 31.83 -16.79 11.42
CA GLN A 77 30.97 -17.99 11.44
C GLN A 77 29.67 -17.77 10.68
N PRO A 78 29.15 -18.80 9.95
CA PRO A 78 27.86 -18.66 9.23
C PRO A 78 26.67 -18.83 10.16
N MET A 79 26.46 -17.84 11.02
CA MET A 79 25.36 -17.82 11.96
C MET A 79 24.66 -16.47 11.86
N ALA A 80 23.62 -16.29 12.66
CA ALA A 80 23.04 -14.96 12.79
C ALA A 80 24.09 -13.98 13.30
N PRO A 81 24.04 -12.73 12.87
CA PRO A 81 25.10 -11.77 13.26
C PRO A 81 25.37 -11.73 14.75
N ALA A 82 24.33 -11.69 15.59
CA ALA A 82 24.55 -11.63 17.03
C ALA A 82 25.38 -12.82 17.51
N ALA A 83 25.01 -14.04 17.09
CA ALA A 83 25.78 -15.21 17.52
C ALA A 83 27.14 -15.26 16.84
N ALA A 84 27.21 -14.90 15.55
CA ALA A 84 28.50 -14.89 14.88
C ALA A 84 29.47 -13.90 15.53
N ALA A 85 28.98 -12.72 15.93
CA ALA A 85 29.84 -11.76 16.61
C ALA A 85 30.30 -12.29 17.97
N GLU A 86 29.36 -12.82 18.77
CA GLU A 86 29.70 -13.36 20.07
C GLU A 86 30.76 -14.45 19.97
N HIS A 87 30.65 -15.30 18.93
CA HIS A 87 31.57 -16.42 18.78
C HIS A 87 33.00 -15.94 18.53
N ALA A 88 33.14 -14.83 17.80
CA ALA A 88 34.46 -14.32 17.43
C ALA A 88 35.04 -13.39 18.47
N GLY A 89 34.36 -13.19 19.60
CA GLY A 89 34.80 -12.19 20.55
C GLY A 89 34.68 -10.76 20.05
N MET A 90 33.82 -10.51 19.05
CA MET A 90 33.59 -9.18 18.53
C MET A 90 32.20 -8.71 18.93
N ALA A 91 31.94 -7.43 18.71
CA ALA A 91 30.63 -6.86 18.91
C ALA A 91 29.98 -6.52 17.58
N LEU A 92 28.67 -6.29 17.62
CA LEU A 92 27.93 -5.82 16.47
C LEU A 92 28.28 -4.35 16.20
N PRO A 93 28.12 -3.88 14.98
CA PRO A 93 28.29 -2.45 14.72
C PRO A 93 27.18 -1.65 15.36
N ALA A 94 27.45 -0.38 15.56
CA ALA A 94 26.41 0.50 16.08
C ALA A 94 25.44 0.86 14.97
N ARG A 95 24.21 1.17 15.37
CA ARG A 95 23.19 1.60 14.42
C ARG A 95 23.66 2.77 13.57
N ASP A 96 24.21 3.82 14.19
CA ASP A 96 24.65 4.97 13.41
C ASP A 96 25.86 4.67 12.52
N GLN A 97 26.67 3.66 12.87
CA GLN A 97 27.72 3.24 11.94
C GLN A 97 27.14 2.69 10.65
N ILE A 98 26.03 1.95 10.75
CA ILE A 98 25.37 1.42 9.56
C ILE A 98 24.74 2.55 8.76
N VAL A 99 23.99 3.42 9.42
CA VAL A 99 23.38 4.55 8.74
C VAL A 99 24.43 5.43 8.08
N ARG A 100 25.57 5.64 8.75
CA ARG A 100 26.64 6.45 8.16
C ARG A 100 27.21 5.79 6.91
N LEU A 101 27.44 4.48 6.96
CA LEU A 101 27.92 3.78 5.77
C LEU A 101 26.97 3.98 4.59
N ILE A 102 25.65 3.88 4.83
CA ILE A 102 24.70 4.06 3.73
C ILE A 102 24.71 5.51 3.25
N ALA A 103 24.73 6.47 4.19
CA ALA A 103 24.65 7.89 3.81
C ALA A 103 25.85 8.32 2.97
N ASP A 104 27.03 7.76 3.24
CA ASP A 104 28.20 8.15 2.48
C ASP A 104 28.08 7.75 1.02
N LEU A 105 27.30 6.71 0.71
CA LEU A 105 27.10 6.26 -0.66
C LEU A 105 26.01 7.03 -1.38
N ASP A 106 25.01 7.50 -0.64
CA ASP A 106 23.83 8.07 -1.25
C ASP A 106 24.19 9.39 -1.93
N ARG A 107 23.77 9.54 -3.19
CA ARG A 107 23.94 10.77 -3.94
C ARG A 107 22.95 10.78 -5.09
N PRO A 108 22.63 11.95 -5.65
CA PRO A 108 21.62 12.02 -6.71
C PRO A 108 21.96 11.18 -7.94
N GLY A 109 20.91 10.65 -8.58
CA GLY A 109 21.08 9.80 -9.74
C GLY A 109 21.69 8.44 -9.46
N ARG A 110 21.94 8.10 -8.20
CA ARG A 110 22.50 6.82 -7.81
C ARG A 110 21.44 5.94 -7.16
N LEU A 111 21.45 4.66 -7.54
CA LEU A 111 20.71 3.62 -6.86
C LEU A 111 21.64 2.93 -5.88
N THR A 112 21.34 3.01 -4.59
CA THR A 112 22.13 2.34 -3.56
C THR A 112 21.33 1.17 -2.97
N LEU A 113 21.85 -0.05 -3.13
CA LEU A 113 21.23 -1.26 -2.61
C LEU A 113 21.89 -1.67 -1.29
N VAL A 114 21.06 -1.85 -0.26
CA VAL A 114 21.52 -2.24 1.08
C VAL A 114 21.06 -3.67 1.31
N GLU A 115 21.98 -4.62 1.21
CA GLU A 115 21.64 -6.03 1.33
C GLU A 115 21.63 -6.44 2.80
N GLY A 116 20.49 -6.94 3.25
CA GLY A 116 20.36 -7.39 4.63
C GLY A 116 21.17 -8.64 4.92
N ALA A 117 21.12 -9.05 6.18
CA ALA A 117 21.82 -10.25 6.64
C ALA A 117 20.80 -11.35 6.98
N GLY A 118 20.17 -11.89 5.95
CA GLY A 118 19.28 -13.03 6.10
C GLY A 118 17.99 -12.84 6.87
N GLY A 119 17.11 -11.95 6.44
CA GLY A 119 15.83 -11.83 7.10
C GLY A 119 15.56 -10.45 7.65
N LEU A 120 14.32 -9.98 7.57
CA LEU A 120 14.05 -8.57 7.87
C LEU A 120 14.32 -8.24 9.33
N LEU A 121 14.00 -9.15 10.26
CA LEU A 121 14.13 -8.84 11.68
C LEU A 121 15.36 -9.47 12.32
N VAL A 122 16.34 -9.90 11.51
CA VAL A 122 17.62 -10.30 12.06
C VAL A 122 18.27 -9.09 12.74
N GLU A 123 18.81 -9.28 13.93
CA GLU A 123 19.46 -8.19 14.66
C GLU A 123 20.78 -7.83 13.98
N LEU A 124 20.92 -6.59 13.55
CA LEU A 124 22.17 -6.11 12.95
C LEU A 124 22.97 -5.22 13.88
N ALA A 125 22.33 -4.60 14.87
CA ALA A 125 23.05 -3.75 15.80
C ALA A 125 22.33 -3.80 17.13
N GLU A 126 23.07 -3.56 18.21
CA GLU A 126 22.40 -3.66 19.50
C GLU A 126 21.68 -2.36 19.84
N PRO A 127 20.53 -2.43 20.53
CA PRO A 127 19.93 -3.71 20.92
C PRO A 127 18.70 -4.03 20.09
N GLY A 128 18.68 -5.19 19.44
CA GLY A 128 17.52 -5.54 18.63
C GLY A 128 17.27 -4.58 17.49
N VAL A 129 18.31 -3.89 17.00
CA VAL A 129 18.20 -3.03 15.82
C VAL A 129 18.31 -3.88 14.56
N THR A 130 17.38 -3.68 13.64
CA THR A 130 17.21 -4.51 12.45
C THR A 130 17.34 -3.69 11.18
N LEU A 131 17.38 -4.41 10.06
CA LEU A 131 17.30 -3.79 8.74
C LEU A 131 16.04 -2.94 8.61
N ARG A 132 14.95 -3.30 9.31
CA ARG A 132 13.77 -2.46 9.28
C ARG A 132 14.03 -1.09 9.91
N ASP A 133 14.74 -1.05 11.05
CA ASP A 133 15.02 0.24 11.66
C ASP A 133 15.93 1.07 10.78
N VAL A 134 16.86 0.40 10.10
CA VAL A 134 17.81 1.07 9.23
C VAL A 134 17.07 1.73 8.07
N ALA A 135 16.12 0.99 7.48
CA ALA A 135 15.32 1.53 6.38
C ALA A 135 14.56 2.77 6.80
N VAL A 136 14.01 2.76 8.03
CA VAL A 136 13.36 3.98 8.54
C VAL A 136 14.36 5.13 8.59
N ASP A 137 15.53 4.90 9.18
CA ASP A 137 16.52 5.96 9.35
C ASP A 137 16.87 6.63 8.02
N VAL A 138 17.09 5.85 6.96
CA VAL A 138 17.55 6.44 5.71
C VAL A 138 16.41 6.60 4.71
N ALA A 139 15.15 6.42 5.14
CA ALA A 139 13.98 6.66 4.29
C ALA A 139 13.99 5.79 3.04
N ALA A 140 14.42 4.54 3.20
CA ALA A 140 14.47 3.58 2.10
C ALA A 140 13.20 2.74 2.07
N ALA A 141 12.78 2.41 0.85
CA ALA A 141 11.79 1.37 0.59
C ALA A 141 12.48 0.01 0.66
N ALA A 142 11.68 -1.06 0.70
CA ALA A 142 12.23 -2.39 0.84
C ALA A 142 11.82 -3.27 -0.33
N LEU A 143 12.81 -3.91 -0.95
CA LEU A 143 12.58 -4.92 -1.96
C LEU A 143 12.66 -6.29 -1.28
N VAL A 144 11.60 -7.10 -1.40
CA VAL A 144 11.45 -8.32 -0.62
C VAL A 144 11.65 -9.53 -1.52
N VAL A 145 12.71 -10.28 -1.26
CA VAL A 145 13.02 -11.48 -2.02
C VAL A 145 12.33 -12.68 -1.37
N VAL A 146 11.69 -13.53 -2.20
CA VAL A 146 10.80 -14.61 -1.75
C VAL A 146 11.08 -15.86 -2.57
N THR A 147 10.62 -17.01 -2.05
CA THR A 147 10.59 -18.26 -2.83
C THR A 147 9.24 -18.44 -3.51
N ALA A 148 9.15 -19.49 -4.32
CA ALA A 148 7.87 -19.90 -4.88
C ALA A 148 7.34 -21.19 -4.24
N ASP A 149 7.99 -21.67 -3.18
CA ASP A 149 7.63 -22.95 -2.58
C ASP A 149 6.59 -22.80 -1.49
N LEU A 150 6.01 -23.93 -1.13
CA LEU A 150 5.05 -24.01 -0.04
C LEU A 150 5.58 -23.27 1.18
N GLY A 151 4.72 -22.45 1.78
CA GLY A 151 5.08 -21.64 2.91
C GLY A 151 5.54 -20.23 2.56
N THR A 152 5.67 -19.91 1.26
CA THR A 152 6.11 -18.56 0.91
C THR A 152 5.05 -17.52 1.23
N LEU A 153 3.76 -17.86 1.10
CA LEU A 153 2.71 -16.86 1.30
C LEU A 153 2.67 -16.38 2.74
N ASN A 154 2.85 -17.29 3.69
CA ASN A 154 2.91 -16.89 5.10
C ASN A 154 4.14 -16.03 5.38
N HIS A 155 5.31 -16.46 4.92
CA HIS A 155 6.55 -15.71 5.16
C HIS A 155 6.46 -14.32 4.53
N THR A 156 5.99 -14.25 3.30
CA THR A 156 5.88 -12.95 2.64
C THR A 156 4.93 -12.05 3.41
N LYS A 157 3.73 -12.56 3.73
CA LYS A 157 2.78 -11.77 4.49
C LYS A 157 3.33 -11.38 5.86
N LEU A 158 4.10 -12.26 6.51
CA LEU A 158 4.72 -11.86 7.77
C LEU A 158 5.68 -10.68 7.56
N THR A 159 6.50 -10.74 6.50
CA THR A 159 7.46 -9.68 6.25
C THR A 159 6.76 -8.38 5.87
N LEU A 160 5.73 -8.45 5.03
CA LEU A 160 5.06 -7.25 4.57
C LEU A 160 4.31 -6.58 5.71
N GLU A 161 3.67 -7.36 6.58
CA GLU A 161 3.06 -6.77 7.75
C GLU A 161 4.09 -6.05 8.60
N ALA A 162 5.27 -6.67 8.76
CA ALA A 162 6.30 -6.06 9.59
C ALA A 162 6.78 -4.75 8.96
N LEU A 163 6.90 -4.70 7.63
CA LEU A 163 7.32 -3.46 6.99
C LEU A 163 6.29 -2.36 7.23
N ALA A 164 5.00 -2.68 7.01
CA ALA A 164 3.97 -1.65 7.15
C ALA A 164 3.89 -1.15 8.58
N ALA A 165 4.24 -1.99 9.55
CA ALA A 165 4.08 -1.60 10.94
C ALA A 165 4.99 -0.43 11.31
N GLN A 166 6.11 -0.26 10.61
CA GLN A 166 6.94 0.93 10.79
C GLN A 166 6.90 1.83 9.56
N GLN A 167 5.84 1.71 8.75
N GLN A 167 5.86 1.69 8.74
CA GLN A 167 5.62 2.57 7.58
CA GLN A 167 5.63 2.59 7.61
C GLN A 167 6.84 2.55 6.65
C GLN A 167 6.81 2.56 6.63
N VAL A 168 7.40 1.38 6.45
CA VAL A 168 8.44 1.19 5.45
C VAL A 168 7.76 0.70 4.17
N SER A 169 7.87 1.51 3.12
CA SER A 169 7.22 1.17 1.86
C SER A 169 7.81 -0.12 1.28
N CYS A 170 6.94 -0.93 0.68
CA CYS A 170 7.39 -2.13 0.00
C CYS A 170 7.63 -1.83 -1.48
N ALA A 171 8.88 -1.93 -1.91
CA ALA A 171 9.18 -1.65 -3.30
C ALA A 171 8.71 -2.75 -4.24
N GLY A 172 8.35 -3.91 -3.68
CA GLY A 172 7.89 -5.04 -4.47
C GLY A 172 8.52 -6.35 -4.05
N LEU A 173 8.15 -7.42 -4.74
CA LEU A 173 8.67 -8.75 -4.51
C LEU A 173 9.58 -9.16 -5.65
N VAL A 174 10.57 -10.00 -5.34
CA VAL A 174 11.31 -10.75 -6.34
C VAL A 174 11.31 -12.20 -5.92
N ILE A 175 10.78 -13.07 -6.79
CA ILE A 175 11.01 -14.51 -6.64
C ILE A 175 12.48 -14.74 -6.97
N GLY A 176 13.27 -15.09 -5.94
CA GLY A 176 14.71 -15.14 -6.10
C GLY A 176 15.18 -16.22 -7.04
N SER A 177 14.43 -17.32 -7.14
CA SER A 177 14.79 -18.46 -7.98
C SER A 177 13.51 -19.06 -8.53
N TRP A 178 13.36 -19.04 -9.85
CA TRP A 178 12.13 -19.49 -10.48
C TRP A 178 12.44 -20.72 -11.31
N PRO A 179 11.89 -21.89 -10.96
CA PRO A 179 12.31 -23.12 -11.61
C PRO A 179 11.77 -23.22 -13.03
N ASP A 180 12.57 -23.83 -13.89
CA ASP A 180 12.13 -24.19 -15.24
C ASP A 180 12.17 -25.71 -15.35
N PRO A 181 11.02 -26.38 -15.49
CA PRO A 181 9.70 -25.75 -15.59
C PRO A 181 9.04 -25.49 -14.23
N PRO A 182 8.09 -24.56 -14.18
CA PRO A 182 7.37 -24.30 -12.92
C PRO A 182 6.44 -25.46 -12.57
N GLY A 183 6.61 -25.99 -11.37
CA GLY A 183 5.68 -27.00 -10.90
C GLY A 183 4.30 -26.41 -10.66
N LEU A 184 3.37 -27.28 -10.29
CA LEU A 184 2.01 -26.84 -10.00
C LEU A 184 1.98 -25.92 -8.79
N VAL A 185 2.71 -26.27 -7.73
CA VAL A 185 2.74 -25.44 -6.53
C VAL A 185 3.36 -24.08 -6.84
N ALA A 186 4.45 -24.07 -7.62
CA ALA A 186 5.14 -22.82 -7.89
C ALA A 186 4.23 -21.83 -8.63
N ALA A 187 3.53 -22.30 -9.67
CA ALA A 187 2.74 -21.39 -10.49
C ALA A 187 1.61 -20.79 -9.67
N SER A 188 0.97 -21.63 -8.86
CA SER A 188 -0.11 -21.14 -8.02
C SER A 188 0.42 -20.11 -7.02
N ASN A 189 1.55 -20.42 -6.38
CA ASN A 189 2.14 -19.48 -5.45
C ASN A 189 2.53 -18.18 -6.13
N ARG A 190 3.00 -18.25 -7.38
CA ARG A 190 3.35 -17.03 -8.07
C ARG A 190 2.13 -16.14 -8.28
N SER A 191 1.03 -16.73 -8.75
N SER A 191 1.03 -16.73 -8.76
CA SER A 191 -0.19 -15.95 -8.97
CA SER A 191 -0.18 -15.95 -8.96
C SER A 191 -0.68 -15.35 -7.65
C SER A 191 -0.68 -15.34 -7.64
N ALA A 192 -0.58 -16.12 -6.56
CA ALA A 192 -0.98 -15.60 -5.26
C ALA A 192 -0.04 -14.50 -4.79
N LEU A 193 1.26 -14.65 -5.03
CA LEU A 193 2.21 -13.60 -4.67
C LEU A 193 1.87 -12.29 -5.36
N ALA A 194 1.45 -12.36 -6.63
CA ALA A 194 1.14 -11.15 -7.38
C ALA A 194 -0.13 -10.46 -6.88
N ARG A 195 -1.01 -11.16 -6.15
CA ARG A 195 -2.16 -10.47 -5.53
C ARG A 195 -1.81 -9.77 -4.22
N ILE A 196 -0.66 -10.11 -3.64
CA ILE A 196 -0.24 -9.53 -2.37
C ILE A 196 0.57 -8.26 -2.59
N ALA A 197 1.40 -8.24 -3.63
CA ALA A 197 2.31 -7.14 -3.93
C ALA A 197 2.79 -7.32 -5.38
N MET A 198 3.46 -6.29 -5.91
CA MET A 198 3.98 -6.39 -7.27
C MET A 198 5.17 -7.35 -7.31
N VAL A 199 5.20 -8.21 -8.32
CA VAL A 199 6.30 -9.13 -8.53
C VAL A 199 7.22 -8.50 -9.58
N ARG A 200 8.29 -7.84 -9.13
CA ARG A 200 9.17 -7.14 -10.07
C ARG A 200 9.92 -8.10 -10.97
N ALA A 201 10.22 -9.31 -10.49
CA ALA A 201 10.94 -10.24 -11.33
C ALA A 201 10.84 -11.62 -10.71
N ALA A 202 11.11 -12.62 -11.54
CA ALA A 202 11.28 -14.01 -11.12
C ALA A 202 12.53 -14.49 -11.84
N LEU A 203 13.64 -14.58 -11.13
CA LEU A 203 14.93 -14.86 -11.75
C LEU A 203 15.08 -16.36 -12.04
N PRO A 204 15.52 -16.75 -13.23
CA PRO A 204 15.70 -18.19 -13.51
C PRO A 204 16.66 -18.83 -12.53
N ALA A 205 16.37 -20.09 -12.17
CA ALA A 205 17.26 -20.83 -11.30
C ALA A 205 18.63 -20.98 -11.95
N GLY A 206 19.66 -21.13 -11.12
CA GLY A 206 21.01 -21.25 -11.65
C GLY A 206 21.60 -19.97 -12.21
N ALA A 207 20.94 -18.82 -12.01
CA ALA A 207 21.46 -17.54 -12.48
C ALA A 207 22.88 -17.26 -11.99
N ALA A 208 23.26 -17.81 -10.84
CA ALA A 208 24.61 -17.57 -10.32
C ALA A 208 25.68 -18.24 -11.15
N SER A 209 25.31 -19.19 -12.01
CA SER A 209 26.25 -19.87 -12.89
C SER A 209 26.49 -19.15 -14.20
N LEU A 210 25.61 -18.24 -14.61
CA LEU A 210 25.80 -17.51 -15.86
C LEU A 210 27.04 -16.63 -15.77
N ASP A 211 27.67 -16.40 -16.93
CA ASP A 211 28.81 -15.52 -17.00
C ASP A 211 28.35 -14.08 -17.13
N ALA A 212 29.30 -13.15 -17.20
CA ALA A 212 28.97 -11.74 -17.10
C ALA A 212 28.01 -11.31 -18.20
N GLY A 213 28.13 -11.91 -19.38
CA GLY A 213 27.25 -11.55 -20.48
C GLY A 213 25.85 -12.10 -20.32
N ASP A 214 25.77 -13.40 -20.00
CA ASP A 214 24.47 -14.03 -19.83
C ASP A 214 23.74 -13.49 -18.62
N PHE A 215 24.47 -13.19 -17.54
CA PHE A 215 23.85 -12.60 -16.37
C PHE A 215 23.30 -11.22 -16.70
N ALA A 216 24.09 -10.40 -17.40
CA ALA A 216 23.59 -9.08 -17.77
C ALA A 216 22.34 -9.18 -18.63
N ALA A 217 22.31 -10.16 -19.54
CA ALA A 217 21.14 -10.35 -20.39
C ALA A 217 19.95 -10.86 -19.58
N MET A 218 20.17 -11.88 -18.76
CA MET A 218 19.15 -12.34 -17.84
C MET A 218 18.56 -11.17 -17.07
N SER A 219 19.44 -10.34 -16.49
CA SER A 219 18.99 -9.26 -15.61
C SER A 219 18.18 -8.23 -16.38
N ALA A 220 18.62 -7.91 -17.60
CA ALA A 220 17.92 -6.90 -18.38
C ALA A 220 16.49 -7.35 -18.66
N ALA A 221 16.31 -8.61 -19.04
CA ALA A 221 14.97 -9.11 -19.36
C ALA A 221 14.11 -9.33 -18.13
N ALA A 222 14.71 -9.49 -16.95
CA ALA A 222 13.93 -9.96 -15.80
C ALA A 222 13.04 -8.87 -15.22
N PHE A 223 13.51 -7.61 -15.22
CA PHE A 223 12.75 -6.51 -14.64
C PHE A 223 12.09 -5.70 -15.75
N ASP A 224 10.99 -5.06 -15.41
CA ASP A 224 10.39 -4.10 -16.32
C ASP A 224 11.31 -2.87 -16.45
N ARG A 225 11.63 -2.51 -17.69
CA ARG A 225 12.50 -1.37 -17.95
C ARG A 225 11.95 -0.10 -17.32
N ASN A 226 10.65 0.14 -17.49
CA ASN A 226 10.04 1.35 -16.94
C ASN A 226 10.20 1.41 -15.43
N TRP A 227 10.13 0.26 -14.75
CA TRP A 227 10.23 0.25 -13.31
C TRP A 227 11.64 0.60 -12.86
N VAL A 228 12.64 -0.05 -13.46
CA VAL A 228 14.03 0.22 -13.14
C VAL A 228 14.34 1.70 -13.39
N ALA A 229 14.05 2.19 -14.59
CA ALA A 229 14.34 3.59 -14.92
C ALA A 229 13.63 4.54 -13.97
N GLY A 230 12.40 4.21 -13.58
CA GLY A 230 11.65 5.01 -12.62
C GLY A 230 12.20 4.97 -11.21
N LEU A 231 13.24 4.16 -10.93
CA LEU A 231 13.74 4.06 -9.57
C LEU A 231 14.51 5.30 -9.14
N VAL A 232 15.23 5.94 -10.05
CA VAL A 232 16.00 7.15 -9.75
C VAL A 232 15.72 8.18 -10.85
N GLY A 233 15.56 9.44 -10.46
CA GLY A 233 15.28 10.51 -11.40
C GLY A 233 16.38 10.79 -12.40
N GLY B 7 -16.04 -22.03 30.12
CA GLY B 7 -15.57 -23.18 29.37
C GLY B 7 -14.24 -23.75 29.86
N GLY B 8 -13.46 -24.32 28.94
CA GLY B 8 -12.14 -24.83 29.25
C GLY B 8 -11.04 -23.97 28.63
N THR B 9 -9.94 -24.59 28.18
CA THR B 9 -8.86 -23.87 27.53
C THR B 9 -8.83 -24.23 26.05
N ILE B 10 -8.92 -23.20 25.20
CA ILE B 10 -8.66 -23.33 23.76
C ILE B 10 -7.27 -22.76 23.51
N LEU B 11 -6.45 -23.52 22.77
CA LEU B 11 -5.07 -23.16 22.51
C LEU B 11 -4.79 -23.44 21.05
N VAL B 12 -4.48 -22.39 20.26
CA VAL B 12 -4.12 -22.63 18.87
C VAL B 12 -2.65 -23.01 18.81
N VAL B 13 -2.32 -23.90 17.88
CA VAL B 13 -0.96 -24.34 17.65
C VAL B 13 -0.64 -23.96 16.22
N THR B 14 0.31 -23.05 16.05
CA THR B 14 0.72 -22.53 14.75
C THR B 14 2.22 -22.70 14.57
N GLY B 15 2.65 -22.66 13.31
CA GLY B 15 4.06 -22.83 13.02
C GLY B 15 4.66 -21.60 12.37
N THR B 16 5.99 -21.51 12.35
CA THR B 16 6.64 -20.45 11.59
C THR B 16 6.69 -20.78 10.12
N GLY B 17 6.40 -22.03 9.78
CA GLY B 17 6.37 -22.44 8.40
C GLY B 17 5.78 -23.83 8.29
N THR B 18 5.91 -24.41 7.12
CA THR B 18 5.51 -25.78 6.91
C THR B 18 6.70 -26.69 7.20
N GLY B 19 6.41 -27.92 7.64
CA GLY B 19 7.46 -28.89 7.86
C GLY B 19 8.31 -28.64 9.07
N VAL B 20 7.77 -27.97 10.10
CA VAL B 20 8.53 -27.69 11.31
C VAL B 20 8.23 -28.67 12.43
N GLY B 21 7.37 -29.66 12.20
CA GLY B 21 6.96 -30.59 13.24
C GLY B 21 5.69 -30.20 13.97
N LYS B 22 4.86 -29.34 13.40
CA LYS B 22 3.70 -28.85 14.14
C LYS B 22 2.74 -29.98 14.51
N THR B 23 2.45 -30.91 13.58
CA THR B 23 1.52 -31.98 13.93
C THR B 23 2.11 -32.88 15.01
N VAL B 24 3.42 -33.17 14.93
CA VAL B 24 4.06 -33.91 16.00
C VAL B 24 3.98 -33.16 17.32
N VAL B 25 4.05 -31.83 17.29
CA VAL B 25 3.98 -31.07 18.53
C VAL B 25 2.58 -31.15 19.11
N CYS B 26 1.55 -30.96 18.26
N CYS B 26 1.57 -30.97 18.26
CA CYS B 26 0.18 -31.11 18.72
CA CYS B 26 0.19 -31.10 18.71
C CYS B 26 -0.01 -32.45 19.40
C CYS B 26 -0.04 -32.45 19.38
N ALA B 27 0.50 -33.52 18.78
CA ALA B 27 0.39 -34.84 19.35
C ALA B 27 1.11 -34.93 20.70
N ALA B 28 2.33 -34.38 20.77
CA ALA B 28 3.11 -34.43 22.00
C ALA B 28 2.44 -33.67 23.12
N LEU B 29 1.91 -32.48 22.84
CA LEU B 29 1.22 -31.77 23.91
C LEU B 29 -0.02 -32.54 24.35
N ALA B 30 -0.78 -33.06 23.38
CA ALA B 30 -1.95 -33.87 23.70
C ALA B 30 -1.55 -35.06 24.55
N SER B 31 -0.48 -35.73 24.15
CA SER B 31 -0.04 -36.91 24.89
C SER B 31 0.43 -36.52 26.29
N ALA B 32 1.13 -35.39 26.41
CA ALA B 32 1.52 -34.92 27.74
C ALA B 32 0.30 -34.53 28.56
N ALA B 33 -0.61 -33.75 27.97
CA ALA B 33 -1.81 -33.36 28.71
C ALA B 33 -2.68 -34.57 29.07
N ARG B 34 -2.74 -35.59 28.20
CA ARG B 34 -3.51 -36.78 28.55
C ARG B 34 -2.93 -37.44 29.80
N GLN B 35 -1.60 -37.64 29.83
CA GLN B 35 -0.96 -38.28 30.96
C GLN B 35 -1.06 -37.46 32.24
N ALA B 36 -1.49 -36.20 32.17
CA ALA B 36 -1.75 -35.37 33.34
C ALA B 36 -3.20 -35.43 33.80
N GLY B 37 -4.02 -36.28 33.18
CA GLY B 37 -5.42 -36.35 33.51
C GLY B 37 -6.28 -35.29 32.87
N ILE B 38 -5.84 -34.68 31.77
CA ILE B 38 -6.58 -33.64 31.10
C ILE B 38 -7.26 -34.23 29.87
N ASP B 39 -8.52 -33.85 29.66
CA ASP B 39 -9.27 -34.27 28.49
C ASP B 39 -8.84 -33.42 27.30
N VAL B 40 -8.46 -34.07 26.19
CA VAL B 40 -7.90 -33.37 25.04
C VAL B 40 -8.76 -33.62 23.81
N ALA B 41 -9.10 -32.55 23.12
CA ALA B 41 -9.62 -32.60 21.76
C ALA B 41 -8.63 -31.90 20.85
N VAL B 42 -8.53 -32.39 19.62
CA VAL B 42 -7.68 -31.77 18.59
C VAL B 42 -8.54 -31.41 17.41
N CYS B 43 -8.58 -30.13 17.07
CA CYS B 43 -9.33 -29.64 15.92
C CYS B 43 -8.36 -29.14 14.87
N LYS B 44 -8.43 -29.72 13.67
CA LYS B 44 -7.71 -29.21 12.50
C LYS B 44 -8.74 -28.87 11.43
N PRO B 45 -9.30 -27.65 11.44
CA PRO B 45 -10.42 -27.33 10.54
C PRO B 45 -10.13 -27.61 9.09
N VAL B 46 -8.95 -27.23 8.63
CA VAL B 46 -8.53 -27.40 7.24
C VAL B 46 -7.15 -28.06 7.23
N GLN B 47 -6.99 -29.03 6.35
CA GLN B 47 -5.66 -29.54 6.11
C GLN B 47 -5.53 -29.82 4.63
N THR B 48 -4.28 -29.89 4.18
CA THR B 48 -3.97 -30.07 2.78
C THR B 48 -2.89 -31.12 2.66
N GLY B 49 -2.47 -31.36 1.42
CA GLY B 49 -1.50 -32.40 1.13
C GLY B 49 -1.84 -33.73 1.73
N THR B 50 -3.14 -34.07 1.80
CA THR B 50 -3.54 -35.34 2.39
C THR B 50 -3.19 -36.49 1.47
N ALA B 51 -3.69 -36.45 0.24
CA ALA B 51 -3.23 -37.39 -0.77
C ALA B 51 -1.84 -36.92 -1.18
N ARG B 52 -0.86 -37.26 -0.34
CA ARG B 52 0.55 -36.90 -0.45
C ARG B 52 1.28 -37.50 0.74
N GLY B 53 0.82 -37.17 1.95
CA GLY B 53 1.41 -37.69 3.17
C GLY B 53 0.65 -37.32 4.43
N ASP B 54 -0.04 -38.29 5.02
CA ASP B 54 -0.70 -38.21 6.32
C ASP B 54 -1.90 -37.27 6.36
N ASP B 55 -3.05 -37.80 6.82
CA ASP B 55 -4.17 -37.02 7.32
C ASP B 55 -3.87 -36.74 8.80
N ASP B 56 -3.64 -35.47 9.13
CA ASP B 56 -2.91 -35.15 10.34
C ASP B 56 -3.69 -35.50 11.59
N LEU B 57 -5.02 -35.47 11.53
CA LEU B 57 -5.78 -35.85 12.70
C LEU B 57 -5.54 -37.31 13.04
N ALA B 58 -5.47 -38.17 12.02
CA ALA B 58 -5.24 -39.59 12.28
C ALA B 58 -3.87 -39.79 12.92
N GLU B 59 -2.87 -39.06 12.46
CA GLU B 59 -1.53 -39.17 13.03
C GLU B 59 -1.56 -38.83 14.51
N VAL B 60 -2.30 -37.77 14.89
CA VAL B 60 -2.40 -37.41 16.30
C VAL B 60 -3.08 -38.52 17.09
N GLY B 61 -4.11 -39.15 16.51
CA GLY B 61 -4.72 -40.31 17.15
C GLY B 61 -3.75 -41.45 17.32
N ARG B 62 -3.01 -41.77 16.25
N ARG B 62 -2.99 -41.76 16.26
CA ARG B 62 -2.05 -42.86 16.31
CA ARG B 62 -2.05 -42.87 16.31
C ARG B 62 -1.02 -42.62 17.41
C ARG B 62 -1.00 -42.64 17.38
N LEU B 63 -0.35 -41.46 17.38
CA LEU B 63 0.73 -41.21 18.32
C LEU B 63 0.24 -40.90 19.73
N ALA B 64 -0.88 -40.19 19.86
CA ALA B 64 -1.32 -39.71 21.16
C ALA B 64 -2.58 -40.37 21.69
N GLY B 65 -3.33 -41.09 20.85
CA GLY B 65 -4.55 -41.72 21.30
C GLY B 65 -5.73 -40.80 21.51
N VAL B 66 -5.65 -39.55 21.01
CA VAL B 66 -6.80 -38.66 21.04
C VAL B 66 -7.94 -39.27 20.24
N THR B 67 -9.18 -39.11 20.75
CA THR B 67 -10.36 -39.57 20.02
C THR B 67 -11.28 -38.46 19.57
N GLN B 68 -11.33 -37.33 20.29
CA GLN B 68 -12.02 -36.15 19.78
C GLN B 68 -11.09 -35.46 18.77
N LEU B 69 -11.25 -35.83 17.49
CA LEU B 69 -10.50 -35.30 16.36
C LEU B 69 -11.50 -34.67 15.40
N ALA B 70 -11.44 -33.35 15.23
CA ALA B 70 -12.47 -32.62 14.50
C ALA B 70 -11.87 -31.86 13.33
N GLY B 71 -12.47 -32.01 12.15
CA GLY B 71 -12.00 -31.33 10.95
C GLY B 71 -13.18 -31.05 10.04
N LEU B 72 -12.96 -30.15 9.08
CA LEU B 72 -14.00 -29.72 8.16
C LEU B 72 -13.68 -29.98 6.70
N ALA B 73 -12.40 -29.97 6.31
CA ALA B 73 -12.02 -29.94 4.92
C ALA B 73 -10.63 -30.55 4.77
N ARG B 74 -10.44 -31.34 3.71
CA ARG B 74 -9.16 -31.99 3.42
C ARG B 74 -8.88 -31.83 1.93
N TYR B 75 -7.74 -31.24 1.60
CA TYR B 75 -7.44 -31.15 0.19
C TYR B 75 -6.19 -31.94 -0.13
N PRO B 76 -6.15 -32.61 -1.25
CA PRO B 76 -5.03 -33.52 -1.54
C PRO B 76 -3.77 -32.77 -1.93
N GLN B 77 -3.91 -31.62 -2.59
CA GLN B 77 -2.75 -30.89 -3.08
C GLN B 77 -1.89 -30.40 -1.92
N PRO B 78 -0.56 -30.52 -2.04
CA PRO B 78 0.36 -29.93 -1.04
C PRO B 78 0.53 -28.43 -1.24
N MET B 79 -0.56 -27.69 -1.04
CA MET B 79 -0.54 -26.24 -1.14
C MET B 79 -1.23 -25.65 0.08
N ALA B 80 -1.04 -24.35 0.25
CA ALA B 80 -1.82 -23.64 1.25
C ALA B 80 -3.31 -23.82 0.95
N PRO B 81 -4.15 -23.80 1.98
CA PRO B 81 -5.59 -24.01 1.78
C PRO B 81 -6.19 -23.24 0.60
N ALA B 82 -6.06 -21.91 0.56
CA ALA B 82 -6.67 -21.12 -0.52
C ALA B 82 -6.26 -21.64 -1.90
N ALA B 83 -4.98 -21.95 -2.09
CA ALA B 83 -4.55 -22.45 -3.39
C ALA B 83 -5.08 -23.86 -3.63
N ALA B 84 -5.04 -24.70 -2.59
CA ALA B 84 -5.54 -26.07 -2.75
C ALA B 84 -7.03 -26.07 -3.05
N ALA B 85 -7.78 -25.18 -2.40
CA ALA B 85 -9.21 -25.08 -2.65
C ALA B 85 -9.48 -24.49 -4.03
N GLU B 86 -8.74 -23.45 -4.41
CA GLU B 86 -8.78 -22.94 -5.78
C GLU B 86 -8.55 -24.05 -6.78
N HIS B 87 -7.44 -24.78 -6.63
CA HIS B 87 -7.16 -25.87 -7.55
C HIS B 87 -8.26 -26.92 -7.53
N ALA B 88 -8.84 -27.19 -6.37
CA ALA B 88 -9.91 -28.18 -6.26
C ALA B 88 -11.21 -27.71 -6.85
N GLY B 89 -11.43 -26.40 -6.92
CA GLY B 89 -12.72 -25.86 -7.33
C GLY B 89 -13.74 -25.82 -6.22
N MET B 90 -13.30 -25.89 -4.96
CA MET B 90 -14.20 -26.09 -3.83
C MET B 90 -13.81 -25.14 -2.71
N ALA B 91 -14.68 -24.18 -2.39
CA ALA B 91 -14.37 -23.11 -1.46
C ALA B 91 -13.94 -23.64 -0.08
N LEU B 92 -13.27 -22.77 0.67
CA LEU B 92 -12.89 -23.08 2.03
C LEU B 92 -14.12 -23.02 2.93
N PRO B 93 -14.05 -23.59 4.14
CA PRO B 93 -15.12 -23.38 5.12
C PRO B 93 -15.32 -21.90 5.40
N ALA B 94 -16.31 -21.53 6.20
CA ALA B 94 -16.51 -20.15 6.56
C ALA B 94 -16.01 -19.89 7.97
N ARG B 95 -15.56 -18.66 8.22
CA ARG B 95 -15.11 -18.26 9.54
C ARG B 95 -16.07 -18.74 10.62
N ASP B 96 -17.38 -18.65 10.33
CA ASP B 96 -18.39 -18.95 11.33
C ASP B 96 -18.38 -20.43 11.72
N GLN B 97 -18.28 -21.34 10.74
CA GLN B 97 -18.30 -22.75 11.08
C GLN B 97 -17.02 -23.16 11.78
N ILE B 98 -15.88 -22.64 11.33
CA ILE B 98 -14.62 -22.92 12.03
C ILE B 98 -14.73 -22.48 13.49
N VAL B 99 -15.20 -21.27 13.73
CA VAL B 99 -15.27 -20.78 15.10
C VAL B 99 -16.31 -21.56 15.90
N ARG B 100 -17.46 -21.84 15.31
CA ARG B 100 -18.48 -22.61 16.02
C ARG B 100 -18.01 -24.03 16.31
N LEU B 101 -17.36 -24.66 15.32
CA LEU B 101 -16.80 -25.99 15.56
C LEU B 101 -15.93 -25.98 16.80
N ILE B 102 -15.08 -24.95 16.93
CA ILE B 102 -14.11 -24.93 18.03
C ILE B 102 -14.81 -24.66 19.35
N ALA B 103 -15.72 -23.68 19.36
CA ALA B 103 -16.46 -23.36 20.58
C ALA B 103 -17.25 -24.57 21.10
N ASP B 104 -17.87 -25.33 20.20
CA ASP B 104 -18.65 -26.49 20.62
C ASP B 104 -17.78 -27.61 21.16
N LEU B 105 -16.47 -27.59 20.86
CA LEU B 105 -15.57 -28.58 21.45
C LEU B 105 -15.17 -28.17 22.86
N ASP B 106 -15.21 -26.87 23.15
CA ASP B 106 -14.64 -26.33 24.37
C ASP B 106 -15.56 -26.62 25.55
N ARG B 107 -14.98 -27.21 26.58
CA ARG B 107 -15.72 -27.59 27.78
C ARG B 107 -14.77 -27.59 28.95
N PRO B 108 -15.25 -27.34 30.17
CA PRO B 108 -14.34 -27.26 31.31
C PRO B 108 -13.60 -28.58 31.54
N GLY B 109 -12.36 -28.46 31.98
CA GLY B 109 -11.48 -29.60 32.14
C GLY B 109 -10.87 -30.11 30.85
N ARG B 110 -11.22 -29.53 29.71
CA ARG B 110 -10.71 -29.97 28.42
C ARG B 110 -9.74 -28.94 27.86
N LEU B 111 -8.62 -29.44 27.36
CA LEU B 111 -7.72 -28.68 26.52
C LEU B 111 -8.08 -28.99 25.07
N THR B 112 -8.50 -27.97 24.35
CA THR B 112 -8.81 -28.08 22.92
C THR B 112 -7.67 -27.50 22.12
N LEU B 113 -6.88 -28.35 21.48
CA LEU B 113 -5.83 -27.87 20.59
C LEU B 113 -6.39 -27.59 19.21
N VAL B 114 -6.13 -26.40 18.68
CA VAL B 114 -6.54 -26.01 17.35
C VAL B 114 -5.28 -25.93 16.49
N GLU B 115 -5.15 -26.83 15.52
CA GLU B 115 -3.93 -26.91 14.72
C GLU B 115 -4.11 -26.19 13.39
N GLY B 116 -3.28 -25.17 13.16
CA GLY B 116 -3.37 -24.43 11.93
C GLY B 116 -2.86 -25.21 10.74
N ALA B 117 -3.27 -24.78 9.55
CA ALA B 117 -2.71 -25.30 8.31
C ALA B 117 -1.56 -24.40 7.92
N GLY B 118 -0.33 -24.94 7.98
CA GLY B 118 0.84 -24.12 7.68
C GLY B 118 1.03 -22.99 8.70
N GLY B 119 1.23 -21.76 8.19
CA GLY B 119 1.59 -20.64 9.05
C GLY B 119 0.42 -19.78 9.50
N LEU B 120 0.74 -18.84 10.40
CA LEU B 120 -0.27 -18.08 11.13
C LEU B 120 -1.15 -17.25 10.19
N LEU B 121 -0.58 -16.69 9.12
CA LEU B 121 -1.30 -15.79 8.23
C LEU B 121 -1.82 -16.49 6.98
N VAL B 122 -1.71 -17.82 6.93
CA VAL B 122 -2.31 -18.57 5.83
C VAL B 122 -3.82 -18.35 5.84
N GLU B 123 -4.40 -18.03 4.69
CA GLU B 123 -5.85 -17.89 4.61
C GLU B 123 -6.50 -19.25 4.90
N LEU B 124 -7.32 -19.29 5.94
CA LEU B 124 -7.89 -20.53 6.43
C LEU B 124 -9.35 -20.70 6.02
N ALA B 125 -10.12 -19.62 6.08
CA ALA B 125 -11.52 -19.60 5.68
C ALA B 125 -11.75 -18.32 4.88
N GLU B 126 -12.57 -18.42 3.83
CA GLU B 126 -12.71 -17.20 3.04
C GLU B 126 -13.75 -16.28 3.68
N PRO B 127 -13.62 -14.97 3.50
CA PRO B 127 -12.60 -14.30 2.69
C PRO B 127 -11.43 -13.79 3.52
N GLY B 128 -10.26 -14.39 3.32
CA GLY B 128 -9.06 -13.90 3.99
C GLY B 128 -9.04 -14.04 5.49
N VAL B 129 -9.85 -14.93 6.05
CA VAL B 129 -9.80 -15.22 7.49
C VAL B 129 -8.63 -16.13 7.78
N THR B 130 -7.77 -15.74 8.70
CA THR B 130 -6.59 -16.52 9.05
C THR B 130 -6.77 -17.15 10.42
N LEU B 131 -5.87 -18.08 10.75
CA LEU B 131 -5.85 -18.64 12.09
C LEU B 131 -5.68 -17.55 13.15
N ARG B 132 -5.01 -16.45 12.81
CA ARG B 132 -4.95 -15.33 13.76
C ARG B 132 -6.35 -14.81 14.06
N ASP B 133 -7.15 -14.56 13.01
CA ASP B 133 -8.54 -14.15 13.22
C ASP B 133 -9.28 -15.15 14.11
N VAL B 134 -9.14 -16.44 13.80
CA VAL B 134 -9.82 -17.47 14.58
C VAL B 134 -9.40 -17.41 16.04
N ALA B 135 -8.11 -17.12 16.28
CA ALA B 135 -7.64 -17.08 17.66
C ALA B 135 -8.31 -15.96 18.44
N VAL B 136 -8.58 -14.83 17.77
CA VAL B 136 -9.30 -13.73 18.42
C VAL B 136 -10.72 -14.16 18.79
N ASP B 137 -11.47 -14.68 17.80
CA ASP B 137 -12.88 -15.00 18.00
C ASP B 137 -13.12 -16.02 19.10
N VAL B 138 -12.17 -16.93 19.35
CA VAL B 138 -12.33 -17.93 20.40
C VAL B 138 -11.52 -17.59 21.65
N ALA B 139 -10.88 -16.42 21.67
CA ALA B 139 -10.09 -15.94 22.82
C ALA B 139 -8.99 -16.94 23.20
N ALA B 140 -8.25 -17.39 22.19
CA ALA B 140 -7.22 -18.40 22.39
C ALA B 140 -5.84 -17.77 22.29
N ALA B 141 -4.95 -18.22 23.16
CA ALA B 141 -3.54 -17.93 23.03
C ALA B 141 -2.93 -18.84 21.97
N ALA B 142 -1.73 -18.48 21.50
CA ALA B 142 -1.07 -19.18 20.42
C ALA B 142 0.25 -19.75 20.91
N LEU B 143 0.44 -21.06 20.66
CA LEU B 143 1.68 -21.77 20.88
C LEU B 143 2.37 -21.90 19.53
N VAL B 144 3.63 -21.47 19.46
CA VAL B 144 4.31 -21.28 18.18
C VAL B 144 5.36 -22.37 18.06
N VAL B 145 5.28 -23.15 16.98
CA VAL B 145 6.25 -24.20 16.69
C VAL B 145 7.31 -23.64 15.74
N VAL B 146 8.58 -23.81 16.12
CA VAL B 146 9.72 -23.18 15.45
C VAL B 146 10.79 -24.24 15.23
N THR B 147 11.66 -23.99 14.25
CA THR B 147 12.86 -24.80 14.07
C THR B 147 13.99 -24.32 14.97
N ALA B 148 15.06 -25.10 14.99
CA ALA B 148 16.33 -24.67 15.59
C ALA B 148 17.33 -24.25 14.54
N ASP B 149 16.90 -24.14 13.30
CA ASP B 149 17.82 -23.91 12.21
C ASP B 149 18.00 -22.42 11.93
N LEU B 150 18.98 -22.13 11.09
CA LEU B 150 19.25 -20.77 10.70
C LEU B 150 17.99 -20.14 10.12
N GLY B 151 17.68 -18.93 10.58
CA GLY B 151 16.52 -18.21 10.12
C GLY B 151 15.32 -18.33 11.03
N THR B 152 15.42 -19.15 12.07
CA THR B 152 14.31 -19.30 13.00
C THR B 152 14.09 -18.02 13.80
N LEU B 153 15.15 -17.24 14.06
CA LEU B 153 14.96 -16.06 14.89
C LEU B 153 14.15 -15.01 14.15
N ASN B 154 14.48 -14.79 12.87
CA ASN B 154 13.67 -13.93 12.01
C ASN B 154 12.22 -14.38 12.01
N HIS B 155 11.99 -15.66 11.71
CA HIS B 155 10.62 -16.15 11.53
C HIS B 155 9.85 -16.11 12.85
N THR B 156 10.52 -16.44 13.95
CA THR B 156 9.87 -16.37 15.26
C THR B 156 9.49 -14.94 15.61
N LYS B 157 10.45 -14.01 15.48
CA LYS B 157 10.17 -12.60 15.79
C LYS B 157 9.04 -12.05 14.95
N LEU B 158 8.98 -12.45 13.67
CA LEU B 158 7.90 -12.01 12.78
C LEU B 158 6.56 -12.57 13.23
N THR B 159 6.54 -13.85 13.63
CA THR B 159 5.28 -14.44 14.07
C THR B 159 4.82 -13.82 15.37
N LEU B 160 5.75 -13.61 16.32
CA LEU B 160 5.38 -12.98 17.57
C LEU B 160 4.90 -11.55 17.35
N GLU B 161 5.45 -10.85 16.36
N GLU B 161 5.44 -10.85 16.35
CA GLU B 161 4.94 -9.53 16.04
CA GLU B 161 4.93 -9.52 16.05
C GLU B 161 3.53 -9.60 15.47
C GLU B 161 3.53 -9.59 15.46
N ALA B 162 3.28 -10.56 14.58
CA ALA B 162 1.93 -10.69 14.00
C ALA B 162 0.91 -11.11 15.06
N LEU B 163 1.31 -11.94 16.03
CA LEU B 163 0.42 -12.26 17.15
C LEU B 163 0.09 -11.01 17.95
N ALA B 164 1.12 -10.24 18.34
CA ALA B 164 0.88 -9.09 19.20
C ALA B 164 0.06 -8.02 18.51
N ALA B 165 0.14 -7.93 17.18
CA ALA B 165 -0.56 -6.87 16.48
C ALA B 165 -2.08 -7.03 16.57
N GLN B 166 -2.59 -8.22 16.91
CA GLN B 166 -4.01 -8.40 17.19
C GLN B 166 -4.24 -8.89 18.61
N GLN B 167 -3.28 -8.62 19.50
CA GLN B 167 -3.41 -8.90 20.93
C GLN B 167 -3.70 -10.37 21.20
N VAL B 168 -3.18 -11.25 20.35
CA VAL B 168 -3.23 -12.69 20.60
C VAL B 168 -2.04 -13.05 21.48
N SER B 169 -2.32 -13.49 22.70
N SER B 169 -2.31 -13.49 22.70
CA SER B 169 -1.27 -13.90 23.62
CA SER B 169 -1.25 -13.89 23.62
C SER B 169 -0.48 -15.08 23.06
C SER B 169 -0.48 -15.08 23.06
N CYS B 170 0.78 -15.18 23.46
CA CYS B 170 1.67 -16.24 23.02
C CYS B 170 1.92 -17.16 24.20
N ALA B 171 1.50 -18.41 24.08
CA ALA B 171 1.68 -19.39 25.15
C ALA B 171 3.09 -19.97 25.17
N GLY B 172 3.98 -19.54 24.26
CA GLY B 172 5.36 -19.96 24.29
C GLY B 172 5.77 -20.57 22.96
N LEU B 173 6.95 -21.17 22.95
CA LEU B 173 7.49 -21.79 21.75
C LEU B 173 7.73 -23.27 21.99
N VAL B 174 7.64 -24.06 20.94
CA VAL B 174 8.16 -25.42 20.94
C VAL B 174 9.10 -25.56 19.76
N ILE B 175 10.30 -26.06 20.01
CA ILE B 175 11.19 -26.47 18.92
C ILE B 175 10.64 -27.79 18.39
N GLY B 176 10.14 -27.77 17.16
CA GLY B 176 9.42 -28.92 16.64
C GLY B 176 10.30 -30.15 16.46
N SER B 177 11.51 -29.95 15.93
CA SER B 177 12.46 -31.05 15.75
C SER B 177 13.82 -30.59 16.24
N TRP B 178 14.32 -31.24 17.29
CA TRP B 178 15.63 -30.96 17.84
C TRP B 178 16.63 -31.96 17.30
N PRO B 179 17.66 -31.54 16.57
CA PRO B 179 18.52 -32.49 15.86
C PRO B 179 19.50 -33.18 16.81
N ASP B 180 20.08 -34.27 16.30
CA ASP B 180 21.09 -34.97 17.08
C ASP B 180 22.21 -35.45 16.17
N PRO B 181 23.45 -35.04 16.41
CA PRO B 181 23.84 -34.03 17.41
C PRO B 181 23.38 -32.63 16.99
N PRO B 182 23.29 -31.70 17.95
CA PRO B 182 22.70 -30.38 17.68
C PRO B 182 23.37 -29.59 16.56
N GLY B 183 24.67 -29.35 16.67
CA GLY B 183 25.32 -28.42 15.78
C GLY B 183 25.39 -27.03 16.39
N LEU B 184 26.28 -26.20 15.82
CA LEU B 184 26.56 -24.91 16.44
C LEU B 184 25.37 -23.98 16.35
N VAL B 185 24.73 -23.91 15.19
CA VAL B 185 23.62 -22.98 15.00
C VAL B 185 22.46 -23.34 15.91
N ALA B 186 22.08 -24.63 15.91
CA ALA B 186 20.95 -25.08 16.71
C ALA B 186 21.21 -24.86 18.19
N ALA B 187 22.44 -25.12 18.64
CA ALA B 187 22.79 -24.83 20.03
C ALA B 187 22.62 -23.34 20.33
N SER B 188 23.04 -22.49 19.39
CA SER B 188 22.91 -21.04 19.58
C SER B 188 21.46 -20.60 19.55
N ASN B 189 20.70 -21.10 18.57
CA ASN B 189 19.31 -20.65 18.43
C ASN B 189 18.48 -21.07 19.63
N ARG B 190 18.72 -22.26 20.18
CA ARG B 190 17.96 -22.67 21.34
C ARG B 190 18.13 -21.67 22.46
N SER B 191 19.35 -21.18 22.68
N SER B 191 19.35 -21.18 22.68
CA SER B 191 19.56 -20.17 23.71
CA SER B 191 19.56 -20.17 23.71
C SER B 191 18.90 -18.86 23.32
C SER B 191 18.90 -18.86 23.32
N ALA B 192 19.10 -18.42 22.08
CA ALA B 192 18.51 -17.14 21.66
C ALA B 192 16.98 -17.18 21.69
N LEU B 193 16.37 -18.33 21.31
CA LEU B 193 14.91 -18.42 21.34
C LEU B 193 14.36 -18.18 22.74
N ALA B 194 15.03 -18.74 23.76
CA ALA B 194 14.57 -18.55 25.14
C ALA B 194 14.58 -17.09 25.57
N ARG B 195 15.35 -16.23 24.89
CA ARG B 195 15.31 -14.81 25.20
C ARG B 195 14.17 -14.07 24.54
N ILE B 196 13.51 -14.68 23.54
CA ILE B 196 12.35 -14.03 22.93
C ILE B 196 11.05 -14.49 23.61
N ALA B 197 10.97 -15.74 24.04
CA ALA B 197 9.75 -16.26 24.64
C ALA B 197 10.08 -17.54 25.43
N MET B 198 9.14 -17.98 26.25
CA MET B 198 9.32 -19.23 26.97
C MET B 198 9.41 -20.39 25.98
N VAL B 199 10.49 -21.16 26.06
CA VAL B 199 10.61 -22.38 25.26
C VAL B 199 10.00 -23.51 26.05
N ARG B 200 8.85 -24.02 25.60
CA ARG B 200 8.12 -25.03 26.35
C ARG B 200 8.72 -26.41 26.19
N ALA B 201 9.35 -26.70 25.05
CA ALA B 201 9.90 -28.03 24.82
C ALA B 201 10.69 -28.02 23.52
N ALA B 202 11.51 -29.05 23.35
CA ALA B 202 12.24 -29.31 22.12
C ALA B 202 12.15 -30.80 21.86
N LEU B 203 11.49 -31.19 20.76
CA LEU B 203 11.15 -32.58 20.58
C LEU B 203 12.21 -33.28 19.75
N PRO B 204 12.73 -34.41 20.21
CA PRO B 204 13.80 -35.09 19.47
C PRO B 204 13.41 -35.39 18.03
N ALA B 205 14.37 -35.20 17.13
CA ALA B 205 14.14 -35.59 15.74
C ALA B 205 13.84 -37.08 15.66
N GLY B 206 12.93 -37.44 14.75
CA GLY B 206 12.53 -38.82 14.53
C GLY B 206 11.40 -39.31 15.41
N ALA B 207 10.80 -38.44 16.22
CA ALA B 207 9.72 -38.84 17.12
C ALA B 207 8.47 -39.29 16.38
N ALA B 208 8.29 -38.94 15.11
CA ALA B 208 7.08 -39.38 14.41
C ALA B 208 7.06 -40.89 14.16
N SER B 209 8.21 -41.56 14.24
CA SER B 209 8.35 -43.00 14.01
C SER B 209 8.14 -43.84 15.26
N LEU B 210 8.01 -43.23 16.43
CA LEU B 210 7.82 -43.96 17.67
C LEU B 210 6.47 -44.67 17.69
N ASP B 211 6.42 -45.85 18.31
CA ASP B 211 5.13 -46.44 18.62
C ASP B 211 4.49 -45.65 19.76
N ALA B 212 3.25 -46.02 20.07
CA ALA B 212 2.43 -45.21 20.96
C ALA B 212 3.04 -45.08 22.35
N GLY B 213 3.58 -46.19 22.88
CA GLY B 213 4.15 -46.13 24.21
C GLY B 213 5.43 -45.30 24.29
N ASP B 214 6.32 -45.47 23.32
CA ASP B 214 7.54 -44.65 23.31
C ASP B 214 7.21 -43.18 23.06
N PHE B 215 6.31 -42.89 22.12
CA PHE B 215 5.91 -41.50 21.89
C PHE B 215 5.29 -40.89 23.14
N ALA B 216 4.55 -41.68 23.91
CA ALA B 216 3.98 -41.18 25.15
C ALA B 216 5.07 -40.93 26.20
N ALA B 217 6.13 -41.74 26.18
CA ALA B 217 7.22 -41.52 27.12
C ALA B 217 7.99 -40.27 26.76
N MET B 218 8.36 -40.16 25.48
CA MET B 218 9.00 -38.94 24.98
C MET B 218 8.18 -37.72 25.38
N SER B 219 6.86 -37.76 25.15
CA SER B 219 6.01 -36.59 25.34
C SER B 219 5.96 -36.16 26.81
N ALA B 220 5.88 -37.13 27.72
CA ALA B 220 5.84 -36.80 29.14
C ALA B 220 7.15 -36.17 29.58
N ALA B 221 8.27 -36.68 29.06
CA ALA B 221 9.57 -36.10 29.37
C ALA B 221 9.79 -34.75 28.68
N ALA B 222 9.13 -34.51 27.54
CA ALA B 222 9.46 -33.31 26.76
C ALA B 222 8.90 -32.04 27.38
N PHE B 223 7.75 -32.11 28.03
CA PHE B 223 7.12 -30.91 28.57
C PHE B 223 7.26 -30.85 30.08
N ASP B 224 7.25 -29.64 30.61
CA ASP B 224 7.21 -29.46 32.05
C ASP B 224 5.82 -29.83 32.55
N ARG B 225 5.76 -30.80 33.47
CA ARG B 225 4.50 -31.26 34.04
C ARG B 225 3.69 -30.10 34.61
N ASN B 226 4.33 -29.22 35.37
CA ASN B 226 3.61 -28.11 36.00
C ASN B 226 2.96 -27.21 34.95
N TRP B 227 3.65 -26.91 33.85
CA TRP B 227 3.06 -26.04 32.84
C TRP B 227 1.87 -26.70 32.17
N VAL B 228 2.01 -27.98 31.83
CA VAL B 228 0.91 -28.73 31.22
C VAL B 228 -0.31 -28.68 32.12
N ALA B 229 -0.16 -29.15 33.36
CA ALA B 229 -1.28 -29.20 34.30
C ALA B 229 -1.93 -27.83 34.49
N GLY B 230 -1.13 -26.76 34.45
CA GLY B 230 -1.67 -25.43 34.57
C GLY B 230 -2.45 -24.95 33.36
N LEU B 231 -2.39 -25.68 32.24
CA LEU B 231 -3.09 -25.23 31.05
C LEU B 231 -4.59 -25.19 31.26
N VAL B 232 -5.10 -26.00 32.19
CA VAL B 232 -6.51 -26.14 32.40
C VAL B 232 -6.83 -25.99 33.88
N HIS C 6 -5.24 -13.74 -21.53
CA HIS C 6 -5.53 -14.04 -20.12
C HIS C 6 -6.80 -13.35 -19.65
N GLY C 7 -7.96 -13.86 -20.07
CA GLY C 7 -9.26 -13.41 -19.57
C GLY C 7 -9.99 -12.45 -20.50
N GLY C 8 -10.96 -11.74 -19.92
CA GLY C 8 -11.77 -10.78 -20.66
C GLY C 8 -11.27 -9.35 -20.62
N THR C 9 -12.17 -8.38 -20.54
CA THR C 9 -11.79 -6.97 -20.40
C THR C 9 -12.24 -6.48 -19.04
N ILE C 10 -11.29 -6.03 -18.23
CA ILE C 10 -11.57 -5.36 -16.97
C ILE C 10 -11.39 -3.87 -17.18
N LEU C 11 -12.31 -3.09 -16.62
CA LEU C 11 -12.27 -1.62 -16.72
C LEU C 11 -12.60 -1.02 -15.35
N VAL C 12 -11.65 -0.26 -14.78
CA VAL C 12 -11.97 0.49 -13.57
C VAL C 12 -12.60 1.81 -13.99
N VAL C 13 -13.58 2.24 -13.21
CA VAL C 13 -14.32 3.48 -13.44
C VAL C 13 -14.06 4.35 -12.22
N THR C 14 -13.34 5.45 -12.42
CA THR C 14 -12.91 6.31 -11.34
C THR C 14 -13.40 7.73 -11.59
N GLY C 15 -13.59 8.49 -10.52
CA GLY C 15 -14.03 9.86 -10.68
C GLY C 15 -12.94 10.87 -10.38
N THR C 16 -13.07 12.08 -10.90
CA THR C 16 -12.12 13.12 -10.53
C THR C 16 -12.32 13.59 -9.10
N GLY C 17 -13.47 13.27 -8.52
CA GLY C 17 -13.79 13.63 -7.14
C GLY C 17 -15.07 12.94 -6.74
N THR C 18 -15.63 13.35 -5.61
CA THR C 18 -16.85 12.72 -5.17
C THR C 18 -18.06 13.30 -5.91
N GLY C 19 -19.13 12.52 -5.95
CA GLY C 19 -20.39 12.99 -6.54
C GLY C 19 -20.29 13.53 -7.95
N VAL C 20 -19.53 12.86 -8.82
CA VAL C 20 -19.49 13.24 -10.22
C VAL C 20 -20.40 12.37 -11.06
N GLY C 21 -21.01 11.34 -10.47
CA GLY C 21 -21.88 10.44 -11.20
C GLY C 21 -21.26 9.13 -11.63
N LYS C 22 -20.24 8.64 -10.90
CA LYS C 22 -19.64 7.34 -11.24
C LYS C 22 -20.71 6.25 -11.38
N THR C 23 -21.54 6.10 -10.36
CA THR C 23 -22.48 4.98 -10.31
C THR C 23 -23.43 5.02 -11.50
N VAL C 24 -23.97 6.19 -11.82
CA VAL C 24 -24.80 6.32 -13.01
C VAL C 24 -24.02 5.97 -14.27
N VAL C 25 -22.75 6.37 -14.32
CA VAL C 25 -21.91 6.05 -15.47
C VAL C 25 -21.70 4.53 -15.57
N CYS C 26 -21.42 3.87 -14.46
CA CYS C 26 -21.31 2.41 -14.50
C CYS C 26 -22.58 1.79 -15.06
N ALA C 27 -23.73 2.16 -14.48
CA ALA C 27 -25.00 1.59 -14.92
C ALA C 27 -25.26 1.88 -16.40
N ALA C 28 -24.96 3.10 -16.85
CA ALA C 28 -25.17 3.46 -18.24
C ALA C 28 -24.29 2.64 -19.18
N LEU C 29 -23.00 2.53 -18.87
CA LEU C 29 -22.11 1.71 -19.70
C LEU C 29 -22.51 0.24 -19.64
N ALA C 30 -22.82 -0.25 -18.45
CA ALA C 30 -23.28 -1.63 -18.33
C ALA C 30 -24.50 -1.88 -19.21
N SER C 31 -25.40 -0.89 -19.30
CA SER C 31 -26.59 -1.05 -20.12
C SER C 31 -26.25 -1.04 -21.60
N ALA C 32 -25.38 -0.11 -22.03
CA ALA C 32 -25.01 -0.03 -23.44
C ALA C 32 -24.32 -1.29 -23.91
N ALA C 33 -23.58 -1.96 -23.02
CA ALA C 33 -22.87 -3.17 -23.40
C ALA C 33 -23.82 -4.35 -23.52
N ARG C 34 -24.73 -4.49 -22.56
CA ARG C 34 -25.74 -5.55 -22.63
C ARG C 34 -26.55 -5.45 -23.92
N GLN C 35 -26.82 -4.22 -24.37
CA GLN C 35 -27.53 -4.01 -25.62
C GLN C 35 -26.67 -4.26 -26.85
N ALA C 36 -25.36 -4.41 -26.68
CA ALA C 36 -24.49 -4.80 -27.78
C ALA C 36 -24.21 -6.29 -27.78
N GLY C 37 -24.92 -7.05 -26.93
CA GLY C 37 -24.71 -8.47 -26.77
C GLY C 37 -23.62 -8.85 -25.79
N ILE C 38 -22.97 -7.87 -25.18
CA ILE C 38 -21.79 -8.11 -24.34
C ILE C 38 -22.24 -8.54 -22.95
N ASP C 39 -21.63 -9.60 -22.46
CA ASP C 39 -21.81 -10.03 -21.07
C ASP C 39 -21.01 -9.10 -20.17
N VAL C 40 -21.68 -8.46 -19.20
CA VAL C 40 -21.01 -7.51 -18.31
C VAL C 40 -21.27 -7.88 -16.85
N ALA C 41 -20.26 -7.66 -16.03
CA ALA C 41 -20.38 -7.68 -14.58
C ALA C 41 -19.96 -6.32 -14.04
N VAL C 42 -20.36 -6.03 -12.80
CA VAL C 42 -20.05 -4.76 -12.16
C VAL C 42 -19.57 -5.05 -10.74
N CYS C 43 -18.36 -4.65 -10.43
CA CYS C 43 -17.71 -4.91 -9.15
C CYS C 43 -17.56 -3.61 -8.39
N LYS C 44 -17.95 -3.63 -7.11
CA LYS C 44 -17.81 -2.47 -6.21
C LYS C 44 -17.09 -2.98 -4.97
N PRO C 45 -15.77 -2.98 -4.98
CA PRO C 45 -15.03 -3.65 -3.88
C PRO C 45 -15.23 -2.98 -2.54
N VAL C 46 -15.44 -1.67 -2.52
CA VAL C 46 -15.52 -0.91 -1.28
C VAL C 46 -16.71 0.05 -1.40
N GLN C 47 -17.71 -0.13 -0.55
CA GLN C 47 -18.91 0.69 -0.52
C GLN C 47 -19.00 1.41 0.82
N THR C 48 -19.24 2.71 0.80
CA THR C 48 -19.50 3.48 2.01
C THR C 48 -20.90 4.07 1.93
N GLY C 49 -21.37 4.57 3.07
CA GLY C 49 -22.63 5.31 3.11
C GLY C 49 -23.91 4.50 3.14
N THR C 50 -23.88 3.24 3.59
CA THR C 50 -25.15 2.50 3.68
C THR C 50 -26.10 3.19 4.63
N ALA C 51 -25.58 3.72 5.75
CA ALA C 51 -26.41 4.45 6.71
C ALA C 51 -27.21 5.56 6.05
N ARG C 52 -26.68 6.13 4.95
CA ARG C 52 -27.40 7.13 4.19
C ARG C 52 -28.33 6.52 3.16
N GLY C 53 -28.23 5.22 2.92
CA GLY C 53 -28.97 4.56 1.86
C GLY C 53 -28.14 4.17 0.65
N ASP C 54 -26.84 4.47 0.62
CA ASP C 54 -26.02 4.16 -0.55
C ASP C 54 -25.95 2.66 -0.80
N ASP C 55 -26.22 2.25 -2.04
CA ASP C 55 -25.88 0.87 -2.46
C ASP C 55 -25.68 0.88 -3.97
N ASP C 56 -24.45 1.20 -4.39
CA ASP C 56 -24.18 1.49 -5.80
C ASP C 56 -24.44 0.25 -6.67
N LEU C 57 -24.07 -0.94 -6.18
CA LEU C 57 -24.39 -2.15 -6.93
C LEU C 57 -25.90 -2.27 -7.14
N ALA C 58 -26.67 -2.05 -6.07
CA ALA C 58 -28.13 -2.16 -6.16
C ALA C 58 -28.68 -1.16 -7.18
N GLU C 59 -28.08 0.03 -7.27
CA GLU C 59 -28.59 1.03 -8.19
C GLU C 59 -28.19 0.72 -9.63
N VAL C 60 -27.03 0.12 -9.86
CA VAL C 60 -26.70 -0.35 -11.20
C VAL C 60 -27.68 -1.45 -11.58
N GLY C 61 -27.94 -2.37 -10.65
CA GLY C 61 -28.94 -3.39 -10.89
C GLY C 61 -30.28 -2.80 -11.30
N ARG C 62 -30.76 -1.82 -10.52
CA ARG C 62 -32.03 -1.17 -10.83
C ARG C 62 -31.98 -0.50 -12.20
N LEU C 63 -30.95 0.32 -12.43
CA LEU C 63 -30.93 1.17 -13.62
C LEU C 63 -30.68 0.38 -14.88
N ALA C 64 -29.72 -0.56 -14.83
CA ALA C 64 -29.27 -1.27 -16.01
C ALA C 64 -29.77 -2.70 -16.09
N GLY C 65 -30.25 -3.28 -14.99
CA GLY C 65 -30.69 -4.65 -15.01
C GLY C 65 -29.59 -5.67 -14.81
N VAL C 66 -28.35 -5.22 -14.58
CA VAL C 66 -27.24 -6.13 -14.34
C VAL C 66 -27.56 -7.00 -13.13
N THR C 67 -27.38 -8.31 -13.29
CA THR C 67 -27.53 -9.26 -12.20
C THR C 67 -26.20 -9.82 -11.71
N GLN C 68 -25.15 -9.68 -12.51
CA GLN C 68 -23.80 -10.06 -12.10
C GLN C 68 -23.19 -8.88 -11.35
N LEU C 69 -23.30 -8.91 -10.03
CA LEU C 69 -22.95 -7.81 -9.15
C LEU C 69 -22.17 -8.38 -7.99
N ALA C 70 -20.99 -7.81 -7.73
CA ALA C 70 -20.11 -8.35 -6.72
C ALA C 70 -19.54 -7.23 -5.87
N GLY C 71 -19.83 -7.27 -4.57
CA GLY C 71 -19.25 -6.39 -3.60
C GLY C 71 -18.42 -7.17 -2.59
N LEU C 72 -17.86 -6.44 -1.63
CA LEU C 72 -16.99 -7.06 -0.66
C LEU C 72 -17.08 -6.35 0.68
N ALA C 73 -16.64 -5.10 0.74
CA ALA C 73 -16.64 -4.33 1.97
C ALA C 73 -17.76 -3.30 1.92
N ARG C 74 -18.46 -3.15 3.04
CA ARG C 74 -19.58 -2.22 3.17
C ARG C 74 -19.53 -1.54 4.53
N TYR C 75 -19.71 -0.22 4.52
CA TYR C 75 -19.54 0.59 5.72
C TYR C 75 -20.68 1.59 5.84
N PRO C 76 -21.12 1.88 7.08
CA PRO C 76 -22.28 2.74 7.30
C PRO C 76 -22.09 4.21 6.92
N GLN C 77 -21.11 4.89 7.51
CA GLN C 77 -21.03 6.34 7.40
C GLN C 77 -20.58 6.76 6.00
N PRO C 78 -21.16 7.80 5.44
CA PRO C 78 -20.72 8.29 4.13
C PRO C 78 -19.47 9.16 4.29
N MET C 79 -18.33 8.49 4.39
CA MET C 79 -17.02 9.10 4.43
C MET C 79 -16.10 8.31 3.52
N ALA C 80 -14.83 8.72 3.46
CA ALA C 80 -13.83 7.93 2.76
C ALA C 80 -13.69 6.56 3.42
N PRO C 81 -13.41 5.52 2.63
CA PRO C 81 -13.36 4.15 3.18
C PRO C 81 -12.58 3.99 4.48
N ALA C 82 -11.35 4.51 4.56
CA ALA C 82 -10.56 4.33 5.77
C ALA C 82 -11.30 4.88 6.99
N ALA C 83 -11.89 6.06 6.84
CA ALA C 83 -12.57 6.67 7.97
C ALA C 83 -13.89 5.96 8.27
N ALA C 84 -14.60 5.52 7.22
CA ALA C 84 -15.86 4.81 7.42
C ALA C 84 -15.63 3.46 8.11
N ALA C 85 -14.55 2.76 7.76
CA ALA C 85 -14.17 1.55 8.46
C ALA C 85 -13.81 1.86 9.92
N GLU C 86 -12.99 2.90 10.15
CA GLU C 86 -12.62 3.25 11.51
C GLU C 86 -13.84 3.61 12.34
N HIS C 87 -14.82 4.29 11.73
CA HIS C 87 -16.03 4.69 12.45
C HIS C 87 -16.87 3.48 12.84
N ALA C 88 -16.82 2.41 12.06
CA ALA C 88 -17.60 1.21 12.32
C ALA C 88 -16.82 0.15 13.11
N GLY C 89 -15.62 0.48 13.58
CA GLY C 89 -14.78 -0.51 14.22
C GLY C 89 -14.41 -1.70 13.35
N MET C 90 -14.50 -1.54 12.03
CA MET C 90 -14.13 -2.61 11.10
C MET C 90 -12.74 -2.34 10.52
N ALA C 91 -12.27 -3.29 9.71
CA ALA C 91 -11.03 -3.15 8.97
C ALA C 91 -11.35 -2.95 7.49
N LEU C 92 -10.42 -2.27 6.80
CA LEU C 92 -10.46 -2.25 5.35
C LEU C 92 -10.22 -3.66 4.82
N PRO C 93 -10.75 -4.00 3.66
CA PRO C 93 -10.46 -5.31 3.07
C PRO C 93 -8.99 -5.44 2.70
N ALA C 94 -8.55 -6.68 2.57
CA ALA C 94 -7.17 -6.94 2.14
C ALA C 94 -7.05 -6.73 0.64
N ARG C 95 -5.85 -6.30 0.24
CA ARG C 95 -5.57 -6.08 -1.18
C ARG C 95 -5.85 -7.33 -2.00
N ASP C 96 -5.34 -8.48 -1.53
CA ASP C 96 -5.53 -9.70 -2.31
C ASP C 96 -6.99 -10.13 -2.36
N GLN C 97 -7.80 -9.72 -1.38
CA GLN C 97 -9.23 -10.01 -1.47
C GLN C 97 -9.90 -9.14 -2.54
N ILE C 98 -9.53 -7.86 -2.61
CA ILE C 98 -10.04 -7.02 -3.69
C ILE C 98 -9.67 -7.60 -5.04
N VAL C 99 -8.40 -7.97 -5.20
CA VAL C 99 -7.92 -8.49 -6.48
C VAL C 99 -8.61 -9.82 -6.82
N ARG C 100 -8.66 -10.73 -5.84
CA ARG C 100 -9.31 -12.01 -6.10
C ARG C 100 -10.78 -11.82 -6.43
N LEU C 101 -11.43 -10.82 -5.82
CA LEU C 101 -12.82 -10.52 -6.13
C LEU C 101 -13.00 -10.19 -7.61
N ILE C 102 -12.07 -9.43 -8.16
CA ILE C 102 -12.16 -8.98 -9.55
C ILE C 102 -11.72 -10.09 -10.49
N ALA C 103 -10.68 -10.82 -10.11
CA ALA C 103 -10.22 -11.96 -10.89
C ALA C 103 -11.35 -12.97 -11.09
N ASP C 104 -12.06 -13.31 -10.02
CA ASP C 104 -13.14 -14.28 -10.12
C ASP C 104 -14.21 -13.82 -11.10
N LEU C 105 -14.47 -12.51 -11.19
CA LEU C 105 -15.46 -12.03 -12.15
C LEU C 105 -14.95 -12.09 -13.59
N ASP C 106 -13.64 -12.02 -13.78
CA ASP C 106 -13.05 -11.93 -15.12
C ASP C 106 -13.28 -13.24 -15.89
N ARG C 107 -13.93 -13.14 -17.05
CA ARG C 107 -14.08 -14.25 -17.99
C ARG C 107 -13.80 -13.73 -19.38
N PRO C 108 -13.35 -14.57 -20.32
CA PRO C 108 -13.23 -14.15 -21.71
C PRO C 108 -14.58 -13.72 -22.28
N GLY C 109 -14.55 -12.69 -23.12
CA GLY C 109 -15.78 -12.12 -23.65
C GLY C 109 -16.53 -11.20 -22.72
N ARG C 110 -16.16 -11.10 -21.44
CA ARG C 110 -16.92 -10.33 -20.45
C ARG C 110 -16.24 -9.00 -20.13
N LEU C 111 -17.06 -7.96 -20.05
CA LEU C 111 -16.66 -6.64 -19.56
C LEU C 111 -16.96 -6.54 -18.07
N THR C 112 -15.93 -6.60 -17.25
CA THR C 112 -16.07 -6.34 -15.82
C THR C 112 -15.75 -4.89 -15.53
N LEU C 113 -16.72 -4.15 -14.98
CA LEU C 113 -16.53 -2.76 -14.58
C LEU C 113 -16.27 -2.72 -13.09
N VAL C 114 -15.21 -2.04 -12.69
CA VAL C 114 -14.81 -1.95 -11.28
C VAL C 114 -14.97 -0.50 -10.85
N GLU C 115 -16.02 -0.21 -10.07
CA GLU C 115 -16.33 1.16 -9.66
C GLU C 115 -15.54 1.47 -8.41
N GLY C 116 -14.80 2.58 -8.44
CA GLY C 116 -14.00 2.99 -7.31
C GLY C 116 -14.85 3.57 -6.19
N ALA C 117 -14.16 4.07 -5.16
CA ALA C 117 -14.83 4.54 -3.95
C ALA C 117 -14.67 6.04 -3.74
N GLY C 118 -14.61 6.83 -4.80
CA GLY C 118 -14.57 8.27 -4.61
C GLY C 118 -13.50 9.02 -5.38
N GLY C 119 -12.30 8.45 -5.49
CA GLY C 119 -11.22 9.10 -6.21
C GLY C 119 -10.11 8.11 -6.50
N LEU C 120 -9.28 8.48 -7.47
CA LEU C 120 -8.27 7.55 -7.97
C LEU C 120 -7.35 7.10 -6.85
N LEU C 121 -6.97 8.02 -5.97
CA LEU C 121 -6.00 7.71 -4.92
C LEU C 121 -6.64 7.56 -3.55
N VAL C 122 -7.96 7.37 -3.50
CA VAL C 122 -8.59 6.96 -2.25
C VAL C 122 -8.01 5.63 -1.81
N GLU C 123 -7.67 5.52 -0.52
CA GLU C 123 -7.22 4.25 0.03
C GLU C 123 -8.36 3.24 0.07
N LEU C 124 -8.14 2.08 -0.57
CA LEU C 124 -9.06 0.96 -0.54
C LEU C 124 -8.58 -0.18 0.36
N ALA C 125 -7.28 -0.28 0.60
CA ALA C 125 -6.67 -1.32 1.42
C ALA C 125 -5.36 -0.80 1.99
N GLU C 126 -4.98 -1.34 3.16
N GLU C 126 -4.96 -1.38 3.10
CA GLU C 126 -3.73 -0.92 3.77
CA GLU C 126 -3.74 -0.93 3.75
C GLU C 126 -2.54 -1.59 3.09
C GLU C 126 -2.53 -1.62 3.12
N PRO C 127 -1.39 -0.91 3.02
CA PRO C 127 -1.21 0.50 3.40
C PRO C 127 -1.25 1.41 2.18
N GLY C 128 -2.28 2.24 2.07
CA GLY C 128 -2.39 3.15 0.95
C GLY C 128 -2.55 2.51 -0.42
N VAL C 129 -3.22 1.35 -0.49
CA VAL C 129 -3.53 0.70 -1.76
C VAL C 129 -4.74 1.39 -2.39
N THR C 130 -4.66 1.66 -3.68
CA THR C 130 -5.65 2.51 -4.34
C THR C 130 -6.18 1.81 -5.55
N LEU C 131 -7.20 2.43 -6.15
CA LEU C 131 -7.74 1.90 -7.39
C LEU C 131 -6.67 1.85 -8.48
N ARG C 132 -5.72 2.79 -8.46
CA ARG C 132 -4.64 2.73 -9.42
C ARG C 132 -3.83 1.46 -9.26
N ASP C 133 -3.54 1.08 -8.01
CA ASP C 133 -2.75 -0.13 -7.76
C ASP C 133 -3.52 -1.36 -8.22
N VAL C 134 -4.81 -1.41 -7.94
CA VAL C 134 -5.65 -2.52 -8.36
C VAL C 134 -5.68 -2.62 -9.88
N ALA C 135 -5.83 -1.47 -10.57
CA ALA C 135 -5.86 -1.48 -12.02
C ALA C 135 -4.56 -2.06 -12.58
N VAL C 136 -3.42 -1.63 -12.04
CA VAL C 136 -2.15 -2.22 -12.48
C VAL C 136 -2.18 -3.74 -12.25
N ASP C 137 -2.60 -4.18 -11.06
CA ASP C 137 -2.58 -5.61 -10.72
C ASP C 137 -3.36 -6.44 -11.74
N VAL C 138 -4.55 -5.98 -12.12
CA VAL C 138 -5.43 -6.75 -12.99
C VAL C 138 -5.36 -6.27 -14.44
N ALA C 139 -4.36 -5.46 -14.77
CA ALA C 139 -4.16 -4.95 -16.15
C ALA C 139 -5.42 -4.30 -16.71
N ALA C 140 -6.08 -3.48 -15.91
CA ALA C 140 -7.27 -2.75 -16.35
C ALA C 140 -6.90 -1.37 -16.91
N ALA C 141 -7.62 -0.97 -17.96
CA ALA C 141 -7.68 0.44 -18.33
C ALA C 141 -8.59 1.19 -17.35
N ALA C 142 -8.47 2.51 -17.36
CA ALA C 142 -9.25 3.36 -16.45
C ALA C 142 -10.13 4.29 -17.26
N LEU C 143 -11.44 4.26 -16.96
CA LEU C 143 -12.38 5.25 -17.45
C LEU C 143 -12.61 6.30 -16.37
N VAL C 144 -12.49 7.57 -16.74
CA VAL C 144 -12.44 8.68 -15.80
C VAL C 144 -13.74 9.49 -15.92
N VAL C 145 -14.46 9.64 -14.82
CA VAL C 145 -15.71 10.39 -14.79
C VAL C 145 -15.43 11.81 -14.30
N VAL C 146 -15.75 12.80 -15.13
CA VAL C 146 -15.47 14.20 -14.87
C VAL C 146 -16.79 14.96 -14.80
N THR C 147 -16.69 16.22 -14.36
CA THR C 147 -17.78 17.19 -14.46
C THR C 147 -17.48 18.13 -15.63
N ALA C 148 -18.38 19.10 -15.82
CA ALA C 148 -18.12 20.20 -16.75
C ALA C 148 -17.99 21.54 -16.02
N ASP C 149 -18.00 21.52 -14.69
CA ASP C 149 -17.95 22.72 -13.88
C ASP C 149 -16.53 23.25 -13.79
N LEU C 150 -16.41 24.55 -13.47
CA LEU C 150 -15.12 25.18 -13.26
C LEU C 150 -14.30 24.33 -12.30
N GLY C 151 -13.03 24.14 -12.64
CA GLY C 151 -12.15 23.31 -11.85
C GLY C 151 -11.91 21.93 -12.43
N THR C 152 -12.68 21.54 -13.45
CA THR C 152 -12.62 20.17 -13.94
C THR C 152 -11.37 19.90 -14.77
N LEU C 153 -10.85 20.92 -15.48
CA LEU C 153 -9.62 20.72 -16.24
C LEU C 153 -8.48 20.33 -15.31
N ASN C 154 -8.33 21.05 -14.20
CA ASN C 154 -7.27 20.76 -13.26
C ASN C 154 -7.46 19.37 -12.65
N HIS C 155 -8.67 19.06 -12.19
CA HIS C 155 -8.90 17.75 -11.59
C HIS C 155 -8.70 16.64 -12.60
N THR C 156 -9.11 16.85 -13.85
CA THR C 156 -8.92 15.82 -14.87
C THR C 156 -7.44 15.62 -15.19
N LYS C 157 -6.71 16.72 -15.38
CA LYS C 157 -5.28 16.59 -15.68
C LYS C 157 -4.55 15.90 -14.55
N LEU C 158 -4.96 16.13 -13.30
CA LEU C 158 -4.29 15.49 -12.18
C LEU C 158 -4.50 13.97 -12.22
N THR C 159 -5.72 13.53 -12.49
CA THR C 159 -6.01 12.09 -12.54
C THR C 159 -5.33 11.46 -13.74
N LEU C 160 -5.45 12.07 -14.92
CA LEU C 160 -4.76 11.55 -16.10
C LEU C 160 -3.26 11.43 -15.86
N GLU C 161 -2.68 12.42 -15.17
CA GLU C 161 -1.24 12.36 -14.91
C GLU C 161 -0.92 11.20 -13.98
N ALA C 162 -1.73 11.01 -12.93
CA ALA C 162 -1.49 9.92 -12.01
C ALA C 162 -1.67 8.56 -12.67
N LEU C 163 -2.60 8.47 -13.64
CA LEU C 163 -2.74 7.23 -14.41
C LEU C 163 -1.50 6.95 -15.24
N ALA C 164 -1.09 7.92 -16.07
CA ALA C 164 0.09 7.73 -16.91
C ALA C 164 1.32 7.42 -16.07
N ALA C 165 1.42 8.03 -14.89
CA ALA C 165 2.57 7.82 -14.03
C ALA C 165 2.79 6.35 -13.71
N GLN C 166 1.76 5.52 -13.82
CA GLN C 166 1.88 4.09 -13.55
C GLN C 166 1.48 3.26 -14.77
N GLN C 167 1.46 3.88 -15.95
CA GLN C 167 1.17 3.17 -17.19
C GLN C 167 -0.21 2.51 -17.15
N VAL C 168 -1.17 3.15 -16.48
CA VAL C 168 -2.56 2.74 -16.54
C VAL C 168 -3.22 3.50 -17.68
N SER C 169 -3.59 2.77 -18.73
CA SER C 169 -4.21 3.39 -19.88
C SER C 169 -5.52 4.04 -19.51
N CYS C 170 -5.78 5.20 -20.10
CA CYS C 170 -7.03 5.93 -19.90
C CYS C 170 -7.99 5.56 -21.02
N ALA C 171 -9.09 4.89 -20.66
CA ALA C 171 -10.08 4.46 -21.64
C ALA C 171 -10.91 5.63 -22.15
N GLY C 172 -10.75 6.80 -21.57
CA GLY C 172 -11.47 7.99 -21.99
C GLY C 172 -12.15 8.67 -20.84
N LEU C 173 -12.89 9.73 -21.18
CA LEU C 173 -13.65 10.51 -20.22
C LEU C 173 -15.14 10.28 -20.42
N VAL C 174 -15.88 10.39 -19.34
CA VAL C 174 -17.34 10.50 -19.40
C VAL C 174 -17.73 11.67 -18.52
N ILE C 175 -18.42 12.65 -19.12
CA ILE C 175 -19.07 13.71 -18.36
C ILE C 175 -20.26 13.11 -17.62
N GLY C 176 -20.14 12.97 -16.30
CA GLY C 176 -21.16 12.27 -15.53
C GLY C 176 -22.53 12.93 -15.58
N SER C 177 -22.58 14.25 -15.57
CA SER C 177 -23.84 14.99 -15.59
C SER C 177 -23.70 16.14 -16.58
N TRP C 178 -24.33 16.00 -17.74
CA TRP C 178 -24.29 17.04 -18.75
C TRP C 178 -25.57 17.86 -18.66
N PRO C 179 -25.49 19.17 -18.45
CA PRO C 179 -26.70 19.99 -18.33
C PRO C 179 -27.24 20.43 -19.68
N ASP C 180 -28.54 20.73 -19.67
CA ASP C 180 -29.25 21.16 -20.87
C ASP C 180 -30.11 22.38 -20.53
N PRO C 181 -29.88 23.54 -21.18
CA PRO C 181 -28.80 23.73 -22.16
C PRO C 181 -27.44 23.95 -21.48
N PRO C 182 -26.36 23.75 -22.22
CA PRO C 182 -25.03 23.98 -21.64
C PRO C 182 -24.74 25.47 -21.50
N GLY C 183 -24.39 25.87 -20.28
CA GLY C 183 -23.94 27.23 -20.03
C GLY C 183 -22.60 27.53 -20.69
N LEU C 184 -22.16 28.78 -20.53
CA LEU C 184 -20.91 29.21 -21.15
C LEU C 184 -19.73 28.41 -20.63
N VAL C 185 -19.68 28.21 -19.32
CA VAL C 185 -18.54 27.50 -18.72
C VAL C 185 -18.59 26.03 -19.08
N ALA C 186 -19.77 25.40 -18.98
CA ALA C 186 -19.87 23.97 -19.28
C ALA C 186 -19.59 23.70 -20.76
N ALA C 187 -20.00 24.61 -21.65
CA ALA C 187 -19.73 24.43 -23.08
C ALA C 187 -18.24 24.48 -23.36
N SER C 188 -17.56 25.51 -22.84
CA SER C 188 -16.12 25.64 -23.04
C SER C 188 -15.38 24.46 -22.43
N ASN C 189 -15.80 24.01 -21.25
CA ASN C 189 -15.06 22.95 -20.57
C ASN C 189 -15.20 21.62 -21.30
N ARG C 190 -16.31 21.39 -21.99
CA ARG C 190 -16.42 20.15 -22.76
C ARG C 190 -15.50 20.17 -23.97
N SER C 191 -15.38 21.32 -24.63
CA SER C 191 -14.42 21.43 -25.73
C SER C 191 -13.00 21.23 -25.25
N ALA C 192 -12.67 21.80 -24.08
CA ALA C 192 -11.33 21.65 -23.51
C ALA C 192 -11.01 20.19 -23.18
N LEU C 193 -11.98 19.46 -22.63
CA LEU C 193 -11.75 18.07 -22.24
C LEU C 193 -11.46 17.19 -23.45
N ALA C 194 -12.23 17.35 -24.51
CA ALA C 194 -12.03 16.53 -25.70
C ALA C 194 -10.66 16.75 -26.31
N ARG C 195 -10.05 17.92 -26.06
CA ARG C 195 -8.70 18.18 -26.54
C ARG C 195 -7.65 17.40 -25.76
N ILE C 196 -7.95 16.92 -24.56
CA ILE C 196 -6.96 16.16 -23.79
C ILE C 196 -7.32 14.70 -23.63
N ALA C 197 -8.53 14.29 -23.99
CA ALA C 197 -8.87 12.87 -23.94
C ALA C 197 -10.15 12.65 -24.73
N MET C 198 -10.42 11.38 -25.03
CA MET C 198 -11.63 11.01 -25.73
C MET C 198 -12.83 11.12 -24.78
N VAL C 199 -13.85 11.84 -25.21
CA VAL C 199 -15.08 11.96 -24.44
C VAL C 199 -16.07 10.90 -24.94
N ARG C 200 -16.26 9.86 -24.14
CA ARG C 200 -17.05 8.73 -24.61
C ARG C 200 -18.54 9.00 -24.56
N ALA C 201 -18.98 9.88 -23.66
CA ALA C 201 -20.40 10.16 -23.45
C ALA C 201 -20.56 11.34 -22.53
N ALA C 202 -21.78 11.90 -22.54
CA ALA C 202 -22.15 13.06 -21.73
C ALA C 202 -23.57 12.77 -21.22
N LEU C 203 -23.64 12.22 -20.03
CA LEU C 203 -24.90 11.70 -19.51
C LEU C 203 -25.79 12.85 -19.04
N PRO C 204 -27.02 12.96 -19.53
CA PRO C 204 -27.88 14.06 -19.10
C PRO C 204 -28.38 13.85 -17.67
N ALA C 205 -28.55 14.97 -16.97
CA ALA C 205 -28.88 14.93 -15.56
C ALA C 205 -30.19 14.22 -15.30
N GLY C 206 -30.32 13.63 -14.12
CA GLY C 206 -31.53 12.96 -13.75
C GLY C 206 -31.66 11.53 -14.23
N ALA C 207 -30.68 11.02 -14.98
CA ALA C 207 -30.75 9.64 -15.46
C ALA C 207 -31.01 8.67 -14.32
N ALA C 208 -30.55 9.00 -13.11
CA ALA C 208 -30.76 8.14 -11.95
C ALA C 208 -32.23 7.98 -11.59
N SER C 209 -33.12 8.74 -12.24
CA SER C 209 -34.55 8.67 -11.94
C SER C 209 -35.35 7.91 -12.98
N LEU C 210 -34.77 7.59 -14.13
CA LEU C 210 -35.54 6.97 -15.20
C LEU C 210 -35.91 5.53 -14.86
N ASP C 211 -36.96 5.06 -15.53
CA ASP C 211 -37.33 3.66 -15.45
C ASP C 211 -36.46 2.83 -16.38
N ALA C 212 -36.41 1.52 -16.11
CA ALA C 212 -35.46 0.62 -16.77
C ALA C 212 -35.44 0.81 -18.28
N GLY C 213 -36.61 0.98 -18.90
CA GLY C 213 -36.65 1.22 -20.34
C GLY C 213 -36.08 2.56 -20.74
N ASP C 214 -36.40 3.62 -20.00
CA ASP C 214 -35.93 4.95 -20.37
C ASP C 214 -34.42 5.08 -20.20
N PHE C 215 -33.90 4.51 -19.11
CA PHE C 215 -32.46 4.55 -18.87
C PHE C 215 -31.71 3.83 -19.99
N ALA C 216 -32.18 2.63 -20.37
CA ALA C 216 -31.51 1.84 -21.40
C ALA C 216 -31.46 2.61 -22.72
N ALA C 217 -32.59 3.20 -23.12
CA ALA C 217 -32.60 4.01 -24.33
C ALA C 217 -31.55 5.10 -24.26
N MET C 218 -31.40 5.74 -23.09
CA MET C 218 -30.40 6.78 -22.92
C MET C 218 -29.00 6.21 -23.00
N SER C 219 -28.75 5.13 -22.24
CA SER C 219 -27.44 4.46 -22.26
C SER C 219 -27.00 4.17 -23.68
N ALA C 220 -27.87 3.55 -24.48
CA ALA C 220 -27.50 3.19 -25.83
C ALA C 220 -27.21 4.43 -26.69
N ALA C 221 -27.99 5.48 -26.53
CA ALA C 221 -27.76 6.69 -27.33
C ALA C 221 -26.56 7.49 -26.84
N ALA C 222 -26.11 7.25 -25.61
CA ALA C 222 -25.04 8.07 -25.04
C ALA C 222 -23.65 7.68 -25.56
N PHE C 223 -23.36 6.38 -25.64
CA PHE C 223 -22.05 5.89 -26.04
C PHE C 223 -22.01 5.48 -27.51
N ASP C 224 -20.82 5.60 -28.11
CA ASP C 224 -20.58 5.02 -29.43
C ASP C 224 -20.70 3.50 -29.36
N ARG C 225 -21.63 2.96 -30.14
CA ARG C 225 -21.94 1.53 -30.06
C ARG C 225 -20.74 0.68 -30.45
N ASN C 226 -19.98 1.12 -31.47
CA ASN C 226 -18.80 0.37 -31.87
C ASN C 226 -17.78 0.32 -30.73
N TRP C 227 -17.45 1.50 -30.17
CA TRP C 227 -16.53 1.57 -29.04
C TRP C 227 -16.94 0.63 -27.93
N VAL C 228 -18.23 0.56 -27.62
CA VAL C 228 -18.72 -0.31 -26.56
C VAL C 228 -18.49 -1.78 -26.93
N ALA C 229 -18.90 -2.18 -28.13
CA ALA C 229 -18.75 -3.58 -28.52
C ALA C 229 -17.29 -3.98 -28.65
N GLY C 230 -16.44 -3.05 -29.11
CA GLY C 230 -15.02 -3.31 -29.24
C GLY C 230 -14.23 -3.31 -27.96
N LEU C 231 -14.88 -3.13 -26.81
CA LEU C 231 -14.19 -3.25 -25.54
C LEU C 231 -13.80 -4.70 -25.24
N VAL C 232 -14.37 -5.64 -25.97
CA VAL C 232 -14.05 -7.05 -25.83
C VAL C 232 -13.54 -7.55 -27.17
N GLY C 233 -12.33 -8.11 -27.18
CA GLY C 233 -11.69 -8.55 -28.41
C GLY C 233 -11.48 -10.05 -28.57
N HIS D 6 22.33 36.67 -1.74
CA HIS D 6 21.95 35.46 -2.48
C HIS D 6 20.44 35.38 -2.72
N GLY D 7 19.75 36.50 -2.56
CA GLY D 7 18.33 36.59 -2.91
C GLY D 7 17.40 36.48 -1.72
N GLY D 8 16.10 36.46 -2.05
CA GLY D 8 15.05 36.23 -1.10
C GLY D 8 14.38 34.88 -1.32
N THR D 9 13.12 34.77 -0.87
CA THR D 9 12.34 33.54 -1.03
C THR D 9 11.10 33.79 -1.90
N ILE D 10 10.99 33.04 -2.99
CA ILE D 10 9.77 32.95 -3.77
C ILE D 10 9.03 31.68 -3.34
N LEU D 11 7.73 31.80 -3.11
CA LEU D 11 6.88 30.70 -2.66
C LEU D 11 5.63 30.71 -3.53
N VAL D 12 5.42 29.68 -4.35
CA VAL D 12 4.15 29.65 -5.07
C VAL D 12 3.10 29.09 -4.14
N VAL D 13 1.86 29.54 -4.35
CA VAL D 13 0.73 29.14 -3.53
C VAL D 13 -0.32 28.57 -4.46
N THR D 14 -0.52 27.26 -4.39
CA THR D 14 -1.45 26.58 -5.26
C THR D 14 -2.58 26.00 -4.43
N GLY D 15 -3.50 25.33 -5.12
CA GLY D 15 -4.65 24.73 -4.44
C GLY D 15 -5.04 23.45 -5.15
N THR D 16 -5.80 22.62 -4.43
CA THR D 16 -6.31 21.40 -5.04
C THR D 16 -7.42 21.69 -6.02
N GLY D 17 -8.00 22.88 -5.97
CA GLY D 17 -9.06 23.25 -6.88
C GLY D 17 -9.36 24.72 -6.74
N THR D 18 -10.53 25.11 -7.23
CA THR D 18 -11.02 26.48 -7.13
C THR D 18 -11.98 26.58 -5.95
N GLY D 19 -12.00 27.74 -5.29
CA GLY D 19 -12.93 27.95 -4.20
C GLY D 19 -12.47 27.35 -2.89
N VAL D 20 -11.19 27.01 -2.78
CA VAL D 20 -10.64 26.41 -1.56
C VAL D 20 -10.15 27.46 -0.55
N GLY D 21 -10.30 28.75 -0.83
CA GLY D 21 -9.83 29.78 0.08
C GLY D 21 -8.40 30.22 -0.13
N LYS D 22 -7.87 30.05 -1.35
CA LYS D 22 -6.45 30.32 -1.58
C LYS D 22 -6.12 31.81 -1.42
N THR D 23 -7.00 32.72 -1.88
CA THR D 23 -6.70 34.14 -1.74
C THR D 23 -6.56 34.54 -0.28
N VAL D 24 -7.45 34.06 0.60
CA VAL D 24 -7.32 34.46 2.00
C VAL D 24 -6.11 33.78 2.63
N VAL D 25 -5.78 32.58 2.18
CA VAL D 25 -4.55 31.96 2.67
C VAL D 25 -3.33 32.82 2.29
N CYS D 26 -3.30 33.34 1.06
CA CYS D 26 -2.20 34.22 0.69
C CYS D 26 -2.16 35.45 1.57
N ALA D 27 -3.34 36.06 1.80
CA ALA D 27 -3.43 37.23 2.68
C ALA D 27 -2.99 36.87 4.09
N ALA D 28 -3.42 35.71 4.60
CA ALA D 28 -3.08 35.33 5.96
C ALA D 28 -1.59 35.11 6.11
N LEU D 29 -0.97 34.38 5.18
CA LEU D 29 0.46 34.17 5.32
C LEU D 29 1.24 35.47 5.13
N ALA D 30 0.78 36.35 4.22
CA ALA D 30 1.40 37.66 4.07
C ALA D 30 1.32 38.45 5.37
N SER D 31 0.12 38.55 5.94
CA SER D 31 -0.04 39.24 7.21
C SER D 31 0.86 38.65 8.29
N ALA D 32 0.93 37.31 8.37
CA ALA D 32 1.78 36.68 9.38
C ALA D 32 3.23 37.06 9.20
N ALA D 33 3.72 37.01 7.95
CA ALA D 33 5.12 37.32 7.70
C ALA D 33 5.43 38.80 7.97
N ARG D 34 4.55 39.71 7.55
CA ARG D 34 4.73 41.12 7.88
C ARG D 34 4.85 41.33 9.39
N GLN D 35 3.88 40.81 10.15
CA GLN D 35 3.94 40.89 11.61
C GLN D 35 5.21 40.29 12.18
N ALA D 36 5.87 39.40 11.46
CA ALA D 36 7.18 38.93 11.86
C ALA D 36 8.30 39.78 11.28
N GLY D 37 7.99 40.95 10.72
CA GLY D 37 9.02 41.85 10.23
C GLY D 37 9.60 41.47 8.89
N ILE D 38 8.88 40.68 8.10
CA ILE D 38 9.35 40.22 6.80
C ILE D 38 8.66 41.05 5.73
N ASP D 39 9.45 41.62 4.84
CA ASP D 39 8.89 42.33 3.69
C ASP D 39 8.19 41.32 2.79
N VAL D 40 6.96 41.65 2.36
CA VAL D 40 6.13 40.72 1.62
C VAL D 40 5.69 41.35 0.30
N ALA D 41 5.80 40.58 -0.79
CA ALA D 41 5.16 40.91 -2.04
C ALA D 41 4.24 39.76 -2.45
N VAL D 42 3.13 40.11 -3.11
CA VAL D 42 2.19 39.12 -3.62
C VAL D 42 1.99 39.37 -5.11
N CYS D 43 2.19 38.32 -5.92
CA CYS D 43 2.02 38.36 -7.37
C CYS D 43 0.96 37.34 -7.80
N LYS D 44 -0.07 37.82 -8.49
CA LYS D 44 -1.04 36.94 -9.15
C LYS D 44 -1.03 37.31 -10.62
N PRO D 45 -0.21 36.64 -11.43
CA PRO D 45 -0.06 37.07 -12.82
C PRO D 45 -1.33 37.04 -13.62
N VAL D 46 -2.18 36.03 -13.43
CA VAL D 46 -3.40 35.84 -14.20
C VAL D 46 -4.55 35.62 -13.24
N GLN D 47 -5.68 36.27 -13.51
CA GLN D 47 -6.88 35.97 -12.74
C GLN D 47 -8.10 36.14 -13.61
N THR D 48 -9.18 35.49 -13.19
CA THR D 48 -10.45 35.49 -13.92
C THR D 48 -11.55 35.86 -12.94
N GLY D 49 -12.78 35.95 -13.47
CA GLY D 49 -13.93 36.27 -12.65
C GLY D 49 -13.88 37.61 -11.95
N THR D 50 -13.30 38.64 -12.59
CA THR D 50 -13.36 39.99 -12.03
C THR D 50 -14.73 40.63 -12.19
N ALA D 51 -15.57 40.07 -13.05
CA ALA D 51 -16.94 40.58 -13.20
C ALA D 51 -17.74 40.35 -11.93
N ARG D 52 -17.98 39.09 -11.57
CA ARG D 52 -18.77 38.76 -10.38
C ARG D 52 -17.92 38.55 -9.13
N GLY D 53 -16.63 38.26 -9.27
CA GLY D 53 -15.76 38.10 -8.13
C GLY D 53 -14.98 39.35 -7.79
N ASP D 54 -13.72 39.17 -7.40
CA ASP D 54 -12.88 40.28 -6.96
C ASP D 54 -11.67 40.39 -7.87
N ASP D 55 -10.92 41.49 -7.68
CA ASP D 55 -9.49 41.53 -7.96
C ASP D 55 -8.84 40.97 -6.70
N ASP D 56 -8.24 39.79 -6.83
CA ASP D 56 -7.72 39.12 -5.64
C ASP D 56 -6.54 39.86 -5.03
N LEU D 57 -5.73 40.52 -5.86
CA LEU D 57 -4.66 41.35 -5.30
C LEU D 57 -5.25 42.47 -4.45
N ALA D 58 -6.35 43.07 -4.90
CA ALA D 58 -6.97 44.14 -4.12
C ALA D 58 -7.47 43.59 -2.79
N GLU D 59 -8.00 42.36 -2.78
CA GLU D 59 -8.43 41.78 -1.51
C GLU D 59 -7.24 41.42 -0.63
N VAL D 60 -6.10 41.05 -1.21
CA VAL D 60 -4.90 40.89 -0.38
C VAL D 60 -4.46 42.24 0.18
N GLY D 61 -4.51 43.29 -0.63
CA GLY D 61 -4.28 44.62 -0.09
C GLY D 61 -5.20 44.92 1.07
N ARG D 62 -6.51 44.75 0.86
CA ARG D 62 -7.52 45.06 1.87
C ARG D 62 -7.30 44.27 3.16
N LEU D 63 -7.15 42.95 3.05
CA LEU D 63 -7.11 42.14 4.27
C LEU D 63 -5.78 42.26 4.99
N ALA D 64 -4.67 42.31 4.25
CA ALA D 64 -3.34 42.17 4.85
C ALA D 64 -2.44 43.39 4.69
N GLY D 65 -2.90 44.46 4.03
CA GLY D 65 -2.08 45.64 3.93
C GLY D 65 -0.84 45.51 3.07
N VAL D 66 -0.74 44.44 2.27
CA VAL D 66 0.35 44.34 1.31
C VAL D 66 0.23 45.46 0.28
N THR D 67 1.37 46.10 -0.04
CA THR D 67 1.41 47.15 -1.05
C THR D 67 2.14 46.73 -2.32
N GLN D 68 3.06 45.77 -2.23
CA GLN D 68 3.71 45.24 -3.43
C GLN D 68 2.78 44.16 -4.01
N LEU D 69 1.87 44.59 -4.86
CA LEU D 69 0.87 43.73 -5.47
C LEU D 69 1.06 43.81 -6.98
N ALA D 70 1.43 42.68 -7.59
CA ALA D 70 1.83 42.64 -8.99
C ALA D 70 0.99 41.63 -9.76
N GLY D 71 0.61 42.00 -10.99
CA GLY D 71 -0.20 41.14 -11.83
C GLY D 71 -0.06 41.58 -13.27
N LEU D 72 -0.51 40.72 -14.19
CA LEU D 72 -0.40 40.99 -15.63
C LEU D 72 -1.71 40.97 -16.39
N ALA D 73 -2.72 40.24 -15.93
CA ALA D 73 -3.91 39.99 -16.73
C ALA D 73 -5.10 39.72 -15.84
N ARG D 74 -6.26 40.28 -16.20
CA ARG D 74 -7.51 40.12 -15.45
C ARG D 74 -8.64 39.92 -16.43
N TYR D 75 -9.31 38.76 -16.35
CA TYR D 75 -10.40 38.51 -17.29
C TYR D 75 -11.74 38.50 -16.56
N PRO D 76 -12.81 39.00 -17.17
CA PRO D 76 -14.09 39.10 -16.46
C PRO D 76 -14.82 37.77 -16.30
N GLN D 77 -14.71 36.87 -17.26
CA GLN D 77 -15.49 35.63 -17.23
C GLN D 77 -15.01 34.69 -16.11
N PRO D 78 -15.92 34.12 -15.29
CA PRO D 78 -15.53 33.12 -14.28
C PRO D 78 -15.22 31.76 -14.91
N MET D 79 -14.10 31.72 -15.63
CA MET D 79 -13.64 30.51 -16.30
C MET D 79 -12.18 30.30 -15.97
N ALA D 80 -11.63 29.17 -16.39
CA ALA D 80 -10.19 29.04 -16.36
C ALA D 80 -9.58 30.13 -17.24
N PRO D 81 -8.34 30.55 -16.92
CA PRO D 81 -7.62 31.52 -17.77
C PRO D 81 -7.74 31.30 -19.27
N ALA D 82 -7.42 30.11 -19.74
CA ALA D 82 -7.30 29.88 -21.19
C ALA D 82 -8.64 30.05 -21.89
N ALA D 83 -9.73 29.66 -21.23
CA ALA D 83 -11.05 29.81 -21.84
C ALA D 83 -11.56 31.24 -21.68
N ALA D 84 -11.38 31.84 -20.51
CA ALA D 84 -11.70 33.25 -20.33
C ALA D 84 -10.97 34.11 -21.36
N ALA D 85 -9.73 33.72 -21.71
CA ALA D 85 -8.97 34.45 -22.72
C ALA D 85 -9.55 34.22 -24.11
N GLU D 86 -9.84 32.95 -24.44
N GLU D 86 -9.87 32.96 -24.45
CA GLU D 86 -10.49 32.63 -25.70
CA GLU D 86 -10.48 32.72 -25.77
C GLU D 86 -11.82 33.38 -25.83
C GLU D 86 -11.85 33.38 -25.86
N HIS D 87 -12.64 33.33 -24.77
CA HIS D 87 -13.91 34.03 -24.76
C HIS D 87 -13.71 35.54 -24.92
N ALA D 88 -12.82 36.11 -24.10
CA ALA D 88 -12.60 37.54 -24.16
C ALA D 88 -12.01 37.97 -25.50
N GLY D 89 -11.42 37.04 -26.25
CA GLY D 89 -10.76 37.39 -27.49
C GLY D 89 -9.35 37.90 -27.32
N MET D 90 -8.74 37.74 -26.16
CA MET D 90 -7.42 38.29 -25.86
C MET D 90 -6.53 37.22 -25.24
N ALA D 91 -5.35 37.04 -25.83
CA ALA D 91 -4.44 35.96 -25.44
C ALA D 91 -3.89 36.15 -24.02
N LEU D 92 -3.57 35.03 -23.39
CA LEU D 92 -2.90 35.05 -22.10
C LEU D 92 -1.50 35.68 -22.23
N PRO D 93 -0.92 36.11 -21.11
CA PRO D 93 0.49 36.56 -21.14
C PRO D 93 1.40 35.42 -21.55
N ALA D 94 2.64 35.76 -21.89
CA ALA D 94 3.61 34.74 -22.25
C ALA D 94 4.32 34.20 -21.02
N ARG D 95 4.85 32.97 -21.15
CA ARG D 95 5.54 32.31 -20.06
C ARG D 95 6.68 33.17 -19.49
N ASP D 96 7.49 33.76 -20.38
CA ASP D 96 8.64 34.52 -19.89
C ASP D 96 8.21 35.81 -19.19
N GLN D 97 7.14 36.47 -19.66
CA GLN D 97 6.58 37.59 -18.91
C GLN D 97 6.32 37.17 -17.47
N ILE D 98 5.52 36.11 -17.30
CA ILE D 98 5.13 35.69 -15.97
C ILE D 98 6.37 35.44 -15.12
N VAL D 99 7.33 34.68 -15.65
CA VAL D 99 8.52 34.34 -14.89
C VAL D 99 9.35 35.57 -14.59
N ARG D 100 9.52 36.46 -15.58
CA ARG D 100 10.36 37.64 -15.38
C ARG D 100 9.73 38.62 -14.39
N LEU D 101 8.40 38.76 -14.43
CA LEU D 101 7.72 39.56 -13.41
C LEU D 101 8.04 39.04 -12.02
N ILE D 102 7.84 37.74 -11.80
CA ILE D 102 8.06 37.17 -10.47
C ILE D 102 9.51 37.37 -10.06
N ALA D 103 10.44 37.05 -10.98
CA ALA D 103 11.85 37.17 -10.64
C ALA D 103 12.21 38.60 -10.27
N ASP D 104 11.63 39.57 -10.98
CA ASP D 104 11.96 40.97 -10.68
C ASP D 104 11.38 41.45 -9.36
N LEU D 105 10.44 40.70 -8.74
CA LEU D 105 9.95 41.11 -7.43
C LEU D 105 10.86 40.67 -6.30
N ASP D 106 11.71 39.67 -6.55
CA ASP D 106 12.53 39.03 -5.54
C ASP D 106 13.56 40.01 -5.02
N ARG D 107 13.89 39.90 -3.73
CA ARG D 107 14.96 40.70 -3.15
C ARG D 107 15.27 40.19 -1.75
N PRO D 108 16.46 40.47 -1.23
CA PRO D 108 16.84 39.99 0.09
C PRO D 108 15.82 40.39 1.14
N GLY D 109 15.59 39.50 2.09
CA GLY D 109 14.66 39.73 3.17
C GLY D 109 13.20 39.75 2.77
N ARG D 110 12.88 39.40 1.52
CA ARG D 110 11.51 39.51 1.03
C ARG D 110 10.95 38.12 0.74
N LEU D 111 9.73 37.89 1.20
CA LEU D 111 8.93 36.72 0.83
C LEU D 111 7.99 37.12 -0.30
N THR D 112 8.17 36.51 -1.45
CA THR D 112 7.30 36.75 -2.61
C THR D 112 6.37 35.54 -2.76
N LEU D 113 5.08 35.77 -2.52
CA LEU D 113 4.05 34.78 -2.76
C LEU D 113 3.49 34.92 -4.17
N VAL D 114 3.47 33.81 -4.91
CA VAL D 114 2.92 33.77 -6.26
C VAL D 114 1.61 32.98 -6.22
N GLU D 115 0.49 33.67 -6.40
CA GLU D 115 -0.81 33.02 -6.29
C GLU D 115 -1.25 32.50 -7.66
N GLY D 116 -1.43 31.19 -7.78
CA GLY D 116 -1.94 30.62 -9.00
C GLY D 116 -3.42 30.88 -9.20
N ALA D 117 -3.86 30.79 -10.44
CA ALA D 117 -5.29 30.79 -10.72
C ALA D 117 -5.80 29.35 -10.56
N GLY D 118 -6.68 29.15 -9.57
CA GLY D 118 -7.25 27.83 -9.34
C GLY D 118 -6.21 26.80 -8.94
N GLY D 119 -6.33 25.60 -9.53
CA GLY D 119 -5.47 24.48 -9.19
C GLY D 119 -4.11 24.52 -9.87
N LEU D 120 -3.27 23.53 -9.51
CA LEU D 120 -1.87 23.53 -9.90
C LEU D 120 -1.69 23.41 -11.40
N LEU D 121 -2.49 22.59 -12.06
CA LEU D 121 -2.33 22.35 -13.48
C LEU D 121 -3.21 23.25 -14.33
N VAL D 122 -3.78 24.30 -13.74
CA VAL D 122 -4.48 25.27 -14.57
C VAL D 122 -3.48 25.86 -15.55
N GLU D 123 -3.90 26.02 -16.81
CA GLU D 123 -3.06 26.66 -17.80
C GLU D 123 -2.98 28.15 -17.52
N LEU D 124 -1.78 28.64 -17.18
CA LEU D 124 -1.57 30.06 -16.90
C LEU D 124 -1.10 30.82 -18.14
N ALA D 125 -0.31 30.17 -18.98
CA ALA D 125 0.18 30.72 -20.24
C ALA D 125 0.17 29.60 -21.29
N GLU D 126 0.30 30.00 -22.57
CA GLU D 126 0.27 29.01 -23.63
C GLU D 126 1.70 28.65 -24.07
N PRO D 127 1.94 27.38 -24.47
CA PRO D 127 0.97 26.28 -24.45
C PRO D 127 1.04 25.40 -23.19
N GLY D 128 -0.07 25.27 -22.47
CA GLY D 128 -0.11 24.41 -21.30
C GLY D 128 0.89 24.75 -20.22
N VAL D 129 1.33 26.02 -20.15
CA VAL D 129 2.20 26.46 -19.07
C VAL D 129 1.38 26.59 -17.79
N THR D 130 1.91 26.04 -16.70
CA THR D 130 1.18 25.99 -15.46
C THR D 130 2.04 26.57 -14.35
N LEU D 131 1.41 26.82 -13.22
CA LEU D 131 2.12 27.27 -12.03
C LEU D 131 3.26 26.33 -11.66
N ARG D 132 3.12 25.03 -11.95
CA ARG D 132 4.21 24.09 -11.67
C ARG D 132 5.45 24.43 -12.49
N ASP D 133 5.27 24.71 -13.79
CA ASP D 133 6.41 25.12 -14.62
C ASP D 133 7.05 26.38 -14.08
N VAL D 134 6.25 27.34 -13.61
CA VAL D 134 6.80 28.59 -13.09
C VAL D 134 7.67 28.31 -11.88
N ALA D 135 7.19 27.43 -10.98
CA ALA D 135 7.93 27.11 -9.76
C ALA D 135 9.29 26.48 -10.07
N VAL D 136 9.36 25.65 -11.12
CA VAL D 136 10.66 25.15 -11.57
C VAL D 136 11.54 26.31 -12.02
N ASP D 137 10.98 27.19 -12.88
CA ASP D 137 11.78 28.24 -13.50
C ASP D 137 12.33 29.24 -12.49
N VAL D 138 11.68 29.43 -11.35
CA VAL D 138 12.18 30.37 -10.35
C VAL D 138 12.64 29.64 -9.08
N ALA D 139 12.69 28.31 -9.13
CA ALA D 139 13.12 27.48 -7.99
C ALA D 139 12.38 27.83 -6.70
N ALA D 140 11.05 27.82 -6.78
CA ALA D 140 10.21 28.04 -5.61
C ALA D 140 9.61 26.72 -5.14
N ALA D 141 9.42 26.63 -3.83
CA ALA D 141 8.58 25.60 -3.24
C ALA D 141 7.10 25.95 -3.47
N ALA D 142 6.22 24.98 -3.20
CA ALA D 142 4.79 25.18 -3.38
C ALA D 142 4.06 24.91 -2.07
N LEU D 143 3.26 25.89 -1.66
CA LEU D 143 2.33 25.75 -0.55
C LEU D 143 0.97 25.38 -1.13
N VAL D 144 0.39 24.27 -0.69
CA VAL D 144 -0.84 23.73 -1.26
C VAL D 144 -1.99 24.05 -0.32
N VAL D 145 -3.02 24.73 -0.83
CA VAL D 145 -4.24 25.03 -0.07
C VAL D 145 -5.27 23.95 -0.36
N VAL D 146 -5.82 23.35 0.69
CA VAL D 146 -6.72 22.20 0.60
C VAL D 146 -8.01 22.50 1.36
N THR D 147 -9.08 21.80 0.97
CA THR D 147 -10.32 21.84 1.73
C THR D 147 -10.29 20.82 2.86
N ALA D 148 -11.25 20.95 3.78
CA ALA D 148 -11.43 19.99 4.85
C ALA D 148 -12.48 18.94 4.51
N ASP D 149 -12.97 18.93 3.27
CA ASP D 149 -14.15 18.19 2.86
C ASP D 149 -13.79 16.88 2.17
N LEU D 150 -14.78 15.99 2.16
CA LEU D 150 -14.74 14.71 1.44
C LEU D 150 -14.07 14.88 0.09
N GLY D 151 -13.03 14.08 -0.16
CA GLY D 151 -12.32 14.15 -1.41
C GLY D 151 -10.97 14.83 -1.31
N THR D 152 -10.70 15.52 -0.20
CA THR D 152 -9.48 16.29 -0.06
C THR D 152 -8.24 15.40 0.01
N LEU D 153 -8.35 14.19 0.56
CA LEU D 153 -7.17 13.34 0.61
C LEU D 153 -6.77 12.90 -0.80
N ASN D 154 -7.76 12.58 -1.63
CA ASN D 154 -7.48 12.24 -3.02
C ASN D 154 -6.84 13.42 -3.75
N HIS D 155 -7.47 14.59 -3.66
CA HIS D 155 -6.99 15.75 -4.40
C HIS D 155 -5.62 16.18 -3.91
N THR D 156 -5.38 16.11 -2.59
CA THR D 156 -4.06 16.45 -2.04
C THR D 156 -2.99 15.46 -2.53
N LYS D 157 -3.27 14.16 -2.46
CA LYS D 157 -2.31 13.17 -2.96
C LYS D 157 -2.00 13.38 -4.43
N LEU D 158 -3.02 13.64 -5.25
CA LEU D 158 -2.79 13.92 -6.66
C LEU D 158 -1.94 15.18 -6.86
N THR D 159 -2.21 16.24 -6.07
CA THR D 159 -1.45 17.48 -6.24
C THR D 159 0.00 17.29 -5.84
N LEU D 160 0.24 16.60 -4.72
CA LEU D 160 1.61 16.32 -4.27
C LEU D 160 2.35 15.42 -5.25
N GLU D 161 1.67 14.43 -5.84
N GLU D 161 1.67 14.43 -5.83
CA GLU D 161 2.34 13.63 -6.87
CA GLU D 161 2.33 13.63 -6.86
C GLU D 161 2.69 14.47 -8.09
C GLU D 161 2.70 14.48 -8.07
N ALA D 162 1.80 15.39 -8.48
CA ALA D 162 2.10 16.28 -9.59
C ALA D 162 3.28 17.20 -9.29
N LEU D 163 3.44 17.62 -8.03
CA LEU D 163 4.58 18.47 -7.66
C LEU D 163 5.87 17.67 -7.70
N ALA D 164 5.84 16.44 -7.17
CA ALA D 164 7.07 15.66 -7.09
C ALA D 164 7.55 15.24 -8.46
N ALA D 165 6.61 15.12 -9.42
CA ALA D 165 6.99 14.72 -10.77
C ALA D 165 7.95 15.71 -11.41
N GLN D 166 7.89 16.99 -11.01
CA GLN D 166 8.79 18.02 -11.51
C GLN D 166 9.75 18.52 -10.45
N GLN D 167 9.95 17.74 -9.39
CA GLN D 167 10.89 18.08 -8.33
C GLN D 167 10.62 19.46 -7.75
N VAL D 168 9.34 19.84 -7.68
CA VAL D 168 8.94 21.04 -6.94
C VAL D 168 8.71 20.62 -5.50
N SER D 169 9.52 21.16 -4.60
CA SER D 169 9.37 20.86 -3.19
C SER D 169 8.02 21.37 -2.69
N CYS D 170 7.43 20.62 -1.75
CA CYS D 170 6.16 20.99 -1.14
C CYS D 170 6.46 21.69 0.19
N ALA D 171 6.00 22.92 0.32
CA ALA D 171 6.27 23.69 1.53
C ALA D 171 5.27 23.37 2.65
N GLY D 172 4.28 22.51 2.40
CA GLY D 172 3.29 22.11 3.37
C GLY D 172 1.87 22.33 2.86
N LEU D 173 0.91 22.22 3.78
CA LEU D 173 -0.50 22.33 3.46
C LEU D 173 -1.14 23.39 4.34
N VAL D 174 -2.18 24.04 3.81
CA VAL D 174 -3.04 24.92 4.57
C VAL D 174 -4.48 24.54 4.28
N ILE D 175 -5.25 24.30 5.32
CA ILE D 175 -6.71 24.17 5.18
C ILE D 175 -7.30 25.57 5.07
N GLY D 176 -7.79 25.91 3.87
CA GLY D 176 -8.16 27.29 3.60
C GLY D 176 -9.35 27.78 4.43
N SER D 177 -10.28 26.89 4.76
CA SER D 177 -11.47 27.27 5.53
C SER D 177 -11.80 26.13 6.50
N TRP D 178 -11.64 26.40 7.79
CA TRP D 178 -11.85 25.43 8.84
C TRP D 178 -13.19 25.68 9.52
N PRO D 179 -14.06 24.68 9.62
CA PRO D 179 -15.39 24.92 10.19
C PRO D 179 -15.39 24.89 11.71
N ASP D 180 -16.34 25.64 12.27
CA ASP D 180 -16.59 25.65 13.72
C ASP D 180 -18.04 25.32 13.96
N PRO D 181 -18.36 24.16 14.55
CA PRO D 181 -17.37 23.14 14.91
C PRO D 181 -17.10 22.22 13.71
N PRO D 182 -16.08 21.37 13.81
CA PRO D 182 -15.78 20.46 12.68
C PRO D 182 -16.63 19.21 12.74
N GLY D 183 -17.26 18.87 11.61
CA GLY D 183 -18.03 17.65 11.52
C GLY D 183 -17.16 16.41 11.58
N LEU D 184 -17.79 15.26 11.35
CA LEU D 184 -17.04 14.01 11.40
C LEU D 184 -16.02 13.95 10.27
N VAL D 185 -16.43 14.28 9.06
CA VAL D 185 -15.52 14.18 7.93
C VAL D 185 -14.34 15.16 8.09
N ALA D 186 -14.63 16.41 8.46
CA ALA D 186 -13.58 17.42 8.56
C ALA D 186 -12.52 17.03 9.58
N ALA D 187 -12.96 16.67 10.78
CA ALA D 187 -12.02 16.23 11.81
C ALA D 187 -11.23 15.02 11.36
N SER D 188 -11.85 14.10 10.62
CA SER D 188 -11.12 12.96 10.10
C SER D 188 -10.11 13.40 9.04
N ASN D 189 -10.51 14.32 8.17
CA ASN D 189 -9.62 14.77 7.10
C ASN D 189 -8.44 15.57 7.65
N ARG D 190 -8.66 16.37 8.72
CA ARG D 190 -7.54 17.11 9.27
C ARG D 190 -6.48 16.18 9.85
N SER D 191 -6.90 15.10 10.52
CA SER D 191 -5.92 14.13 11.01
C SER D 191 -5.23 13.44 9.85
N ALA D 192 -6.00 13.05 8.83
CA ALA D 192 -5.42 12.29 7.72
C ALA D 192 -4.46 13.16 6.90
N LEU D 193 -4.83 14.43 6.67
CA LEU D 193 -3.94 15.36 5.96
C LEU D 193 -2.58 15.50 6.67
N ALA D 194 -2.58 15.56 8.01
CA ALA D 194 -1.31 15.70 8.72
C ALA D 194 -0.42 14.49 8.54
N ARG D 195 -1.00 13.31 8.34
CA ARG D 195 -0.19 12.13 8.03
C ARG D 195 0.32 12.15 6.59
N ILE D 196 -0.15 13.07 5.76
CA ILE D 196 0.38 13.21 4.41
C ILE D 196 1.50 14.24 4.35
N ALA D 197 1.36 15.37 5.04
CA ALA D 197 2.39 16.40 5.02
C ALA D 197 2.13 17.34 6.18
N MET D 198 3.06 18.27 6.39
CA MET D 198 2.91 19.25 7.45
C MET D 198 1.70 20.14 7.18
N VAL D 199 0.85 20.30 8.19
CA VAL D 199 -0.29 21.20 8.10
C VAL D 199 0.12 22.52 8.74
N ARG D 200 0.37 23.52 7.89
CA ARG D 200 0.94 24.76 8.38
C ARG D 200 -0.08 25.59 9.15
N ALA D 201 -1.35 25.53 8.74
CA ALA D 201 -2.39 26.33 9.34
C ALA D 201 -3.74 25.83 8.84
N ALA D 202 -4.78 26.09 9.62
CA ALA D 202 -6.16 25.85 9.22
C ALA D 202 -6.95 27.12 9.53
N LEU D 203 -7.34 27.83 8.51
CA LEU D 203 -7.82 29.19 8.72
C LEU D 203 -9.30 29.16 9.09
N PRO D 204 -9.70 29.85 10.15
CA PRO D 204 -11.12 29.93 10.51
C PRO D 204 -11.97 30.44 9.35
N ALA D 205 -13.06 29.75 9.10
CA ALA D 205 -14.03 30.17 8.10
C ALA D 205 -14.52 31.59 8.39
N GLY D 206 -14.98 32.27 7.33
CA GLY D 206 -15.37 33.66 7.42
C GLY D 206 -14.25 34.64 7.63
N ALA D 207 -12.98 34.20 7.50
CA ALA D 207 -11.86 35.11 7.74
C ALA D 207 -11.90 36.30 6.80
N ALA D 208 -12.52 36.15 5.61
CA ALA D 208 -12.65 37.28 4.69
C ALA D 208 -13.55 38.38 5.23
N SER D 209 -14.46 38.06 6.15
CA SER D 209 -15.31 39.08 6.76
C SER D 209 -14.60 39.87 7.85
N LEU D 210 -13.48 39.39 8.36
CA LEU D 210 -12.79 40.10 9.40
C LEU D 210 -12.32 41.45 8.89
N ASP D 211 -12.14 42.39 9.83
CA ASP D 211 -11.51 43.65 9.49
C ASP D 211 -10.00 43.48 9.50
N ALA D 212 -9.32 44.57 9.18
CA ALA D 212 -7.86 44.56 9.11
C ALA D 212 -7.25 44.13 10.44
N GLY D 213 -7.72 44.71 11.54
CA GLY D 213 -7.10 44.42 12.83
C GLY D 213 -7.32 42.99 13.27
N ASP D 214 -8.53 42.46 13.06
CA ASP D 214 -8.81 41.10 13.48
C ASP D 214 -8.27 40.06 12.51
N PHE D 215 -8.24 40.40 11.21
CA PHE D 215 -7.58 39.51 10.26
C PHE D 215 -6.12 39.31 10.63
N ALA D 216 -5.43 40.40 11.01
CA ALA D 216 -4.03 40.30 11.38
C ALA D 216 -3.83 39.44 12.62
N ALA D 217 -4.79 39.44 13.54
CA ALA D 217 -4.68 38.61 14.74
C ALA D 217 -4.90 37.15 14.42
N MET D 218 -5.95 36.86 13.64
CA MET D 218 -6.19 35.50 13.16
C MET D 218 -4.94 34.94 12.48
N SER D 219 -4.40 35.69 11.51
CA SER D 219 -3.27 35.20 10.73
C SER D 219 -2.07 34.89 11.62
N ALA D 220 -1.78 35.82 12.55
CA ALA D 220 -0.65 35.63 13.46
C ALA D 220 -0.84 34.38 14.32
N ALA D 221 -2.09 34.01 14.60
CA ALA D 221 -2.39 32.84 15.39
C ALA D 221 -2.42 31.56 14.56
N ALA D 222 -2.73 31.67 13.27
CA ALA D 222 -2.95 30.47 12.47
C ALA D 222 -1.67 29.76 12.09
N PHE D 223 -0.55 30.47 11.93
CA PHE D 223 0.72 29.92 11.53
C PHE D 223 1.71 29.88 12.69
N ASP D 224 2.59 28.88 12.68
CA ASP D 224 3.68 28.84 13.65
C ASP D 224 4.72 29.90 13.29
N ARG D 225 4.93 30.86 14.19
CA ARG D 225 5.83 31.97 13.90
C ARG D 225 7.24 31.50 13.60
N ASN D 226 7.67 30.37 14.18
CA ASN D 226 8.99 29.83 13.84
C ASN D 226 9.06 29.45 12.36
N TRP D 227 8.02 28.78 11.85
CA TRP D 227 8.04 28.37 10.45
C TRP D 227 8.01 29.59 9.54
N VAL D 228 7.12 30.53 9.83
CA VAL D 228 7.03 31.76 9.04
C VAL D 228 8.35 32.51 9.07
N ALA D 229 8.93 32.69 10.27
CA ALA D 229 10.20 33.38 10.39
C ALA D 229 11.31 32.69 9.62
N GLY D 230 11.25 31.36 9.53
CA GLY D 230 12.25 30.62 8.80
C GLY D 230 12.07 30.53 7.30
N LEU D 231 10.97 31.07 6.76
CA LEU D 231 10.84 31.15 5.31
C LEU D 231 11.87 32.11 4.72
N VAL D 232 12.29 33.09 5.53
CA VAL D 232 13.26 34.15 5.23
C VAL D 232 12.94 34.80 3.90
S SO4 E . 20.40 -15.58 0.19
O1 SO4 E . 20.81 -16.12 1.49
O2 SO4 E . 20.32 -16.62 -0.82
O3 SO4 E . 19.12 -14.96 0.42
O4 SO4 E . 21.38 -14.58 -0.28
N1 DCZ F . 21.06 -19.11 -6.87
C2 DCZ F . 21.17 -19.22 -8.35
N3 DCZ F . 20.17 -18.56 -9.20
C4 DCZ F . 19.08 -17.82 -8.64
C5 DCZ F . 18.96 -17.71 -7.15
C6 DCZ F . 19.96 -18.37 -6.29
O2 DCZ F . 22.06 -19.83 -8.86
N4 DCZ F . 18.11 -17.19 -9.50
C1' DCZ F . 22.04 -19.77 -6.00
C2' DCZ F . 22.85 -18.93 -5.47
C3' DCZ F . 23.04 -19.38 -4.07
C4' DCZ F . 21.76 -20.19 -3.71
O4' DCZ F . 21.25 -20.53 -4.79
O3' DCZ F . 24.18 -20.15 -3.94
C5' DCZ F . 20.72 -19.31 -2.88
O5' DCZ F . 21.39 -18.63 -1.84
S SO4 G . 4.45 -29.75 10.01
O1 SO4 G . 3.27 -30.29 10.68
O2 SO4 G . 5.59 -30.63 10.20
O3 SO4 G . 4.75 -28.48 10.65
O4 SO4 G . 4.19 -29.60 8.59
N1 DCZ H . 9.13 -35.24 12.76
C2 DCZ H . 9.80 -36.20 13.65
N3 DCZ H . 10.22 -35.81 15.02
C4 DCZ H . 9.97 -34.48 15.50
C5 DCZ H . 9.28 -33.50 14.61
C6 DCZ H . 8.86 -33.90 13.23
O2 DCZ H . 10.02 -37.31 13.25
N4 DCZ H . 10.38 -34.09 16.83
C1' DCZ H . 8.72 -35.68 11.43
C2' DCZ H . 7.46 -35.54 11.30
C3' DCZ H . 7.25 -35.22 9.86
C4' DCZ H . 8.54 -34.43 9.48
O4' DCZ H . 9.44 -34.85 10.24
O3' DCZ H . 7.14 -36.40 9.17
C5' DCZ H . 8.35 -32.87 9.74
O5' DCZ H . 7.48 -32.34 8.77
S SO4 I . -20.67 9.39 -7.57
O1 SO4 I . -20.39 9.46 -6.15
O2 SO4 I . -21.18 8.06 -7.85
O3 SO4 I . -21.66 10.39 -7.94
O4 SO4 I . -19.47 9.71 -8.35
N1 DCZ J . -27.08 11.64 -11.13
C2 DCZ J . -28.22 11.66 -12.09
N3 DCZ J . -27.97 11.81 -13.54
C4 DCZ J . -26.61 11.94 -14.03
C5 DCZ J . -25.46 11.92 -13.08
C6 DCZ J . -25.71 11.77 -11.62
O2 DCZ J . -29.33 11.56 -11.71
N4 DCZ J . -26.38 12.10 -15.46
C1' DCZ J . -27.33 11.49 -9.68
C2' DCZ J . -27.01 10.34 -9.27
C3' DCZ J . -26.48 10.52 -7.88
C4' DCZ J . -25.92 11.97 -7.87
O4' DCZ J . -26.45 12.57 -8.83
O3' DCZ J . -27.49 10.41 -6.98
C5' DCZ J . -24.34 11.93 -8.05
O5' DCZ J . -23.74 11.32 -6.94
S SO4 K . -10.06 30.51 -3.97
O1 SO4 K . -9.29 29.27 -3.76
O2 SO4 K . -10.81 30.37 -5.20
O3 SO4 K . -10.98 30.76 -2.87
O4 SO4 K . -9.13 31.63 -4.05
N1 DCZ L . -13.35 32.53 2.68
C2 DCZ L . -13.40 33.10 4.06
N3 DCZ L . -12.49 32.57 5.11
C4 DCZ L . -11.58 31.51 4.79
C5 DCZ L . -11.54 30.94 3.42
C6 DCZ L . -12.43 31.47 2.36
O2 DCZ L . -14.13 33.99 4.32
N4 DCZ L . -10.70 30.98 5.82
C1' DCZ L . -14.22 33.05 1.63
C2' DCZ L . -13.63 33.88 0.87
C3' DCZ L . -13.93 33.50 -0.54
C4' DCZ L . -14.93 32.31 -0.42
O4' DCZ L . -14.68 31.80 0.69
O3' DCZ L . -14.50 34.56 -1.21
C5' DCZ L . -14.68 31.21 -1.53
O5' DCZ L . -13.79 30.27 -0.99
#